data_2CLO
#
_entry.id   2CLO
#
_cell.length_a   182.730
_cell.length_b   60.140
_cell.length_c   67.510
_cell.angle_alpha   90.00
_cell.angle_beta   94.61
_cell.angle_gamma   90.00
#
_symmetry.space_group_name_H-M   'C 1 2 1'
#
loop_
_entity.id
_entity.type
_entity.pdbx_description
1 polymer 'TRYPTOPHAN SYNTHASE ALPHA CHAIN'
2 polymer 'TRYPTOPHAN SYNTHASE BETA CHAIN'
3 non-polymer '2-[(2-NAPHTHYLSULFONYL)AMINO]ETHYL DIHYDROGEN PHOSPHATE'
4 non-polymer [3-HYDROXY-2-METHYL-5-PHOSPHONOOXYMETHYL-PYRIDIN-4-YLMETHYL]-SERINE
5 non-polymer 'SODIUM ION'
6 water water
#
loop_
_entity_poly.entity_id
_entity_poly.type
_entity_poly.pdbx_seq_one_letter_code
_entity_poly.pdbx_strand_id
1 'polypeptide(L)'
;MERYENLFAQLNDRREGAFVPFVTLGDPGIEQSLKIIDTLIDAGADALELGVPFSDPLADGPTIQNANLRAFAAGVTPAQ
CFEMLALIREKHPTIPIGLLMYANLVFNNGIDAFYARCEQVGVDSVLVADVPVEESAPFRQAALRHNIAPIFICPPNADD
DLLRQVASYGRGYTYLLSRSGVTGAENRGALPLHHLIEKLKEYHAAPALQGFGISSPEQVSAAVRAGAAGAISGSAIVKI
IEKNLASPKQMLAELRSFVSAMKAASRA
;
A
2 'polypeptide(L)'
;TTLLNPYFGEFGGMYVPQILMPALNQLEEAFVRAQKDPEFQAQFADLLKNYAGRPTALTKCQNITAGTRTTLYLKREDLL
HGGAHKTNQVLGQALLAKRMGKSEIIAETGAGQHGVASALASALLGLKCRIYMGAKDVERQSPNVFRMRLMGAEVIPVHS
GSATLKDACNEALRDWSGSYETAHYMLGTAAGPHPYPTIVREFQRMIGEETKAQILDKEGRLPDAVIACVGGGSNAIGMF
ADFINDTSVGLIGVEPGGHGIETGEHGAPLKHGRVGIYFGMKAPMMQTADGQIEESYSISAGLDFPSVGPQHAYLNSIGR
ADYVSITDDEALEAFKTLCRHEGIIPALESSHALAHALKMMREQPEKEQLLVVNLSGRGDKDIFTVHDILKARGEI
;
B
#
# COMPACT_ATOMS: atom_id res chain seq x y z
N GLU A 2 10.89 -13.10 28.36
CA GLU A 2 11.25 -13.17 29.80
C GLU A 2 10.13 -12.63 30.69
N ARG A 3 9.81 -11.36 30.53
CA ARG A 3 8.76 -10.72 31.33
C ARG A 3 7.38 -11.32 31.05
N TYR A 4 7.15 -11.78 29.83
CA TYR A 4 5.87 -12.38 29.50
C TYR A 4 5.77 -13.74 30.18
N GLU A 5 6.84 -14.52 30.11
CA GLU A 5 6.87 -15.85 30.71
C GLU A 5 6.60 -15.75 32.21
N ASN A 6 7.19 -14.74 32.86
CA ASN A 6 6.99 -14.58 34.30
C ASN A 6 5.56 -14.13 34.60
N LEU A 7 5.05 -13.18 33.82
CA LEU A 7 3.69 -12.68 34.03
C LEU A 7 2.66 -13.79 33.94
N PHE A 8 2.70 -14.57 32.86
CA PHE A 8 1.74 -15.65 32.67
C PHE A 8 1.88 -16.74 33.73
N ALA A 9 3.11 -16.97 34.19
CA ALA A 9 3.34 -17.98 35.21
C ALA A 9 2.69 -17.50 36.51
N GLN A 10 2.82 -16.21 36.78
CA GLN A 10 2.24 -15.60 37.98
C GLN A 10 0.72 -15.59 37.89
N LEU A 11 0.19 -15.17 36.75
CA LEU A 11 -1.25 -15.08 36.54
C LEU A 11 -1.89 -16.47 36.64
N ASN A 12 -1.20 -17.47 36.10
CA ASN A 12 -1.71 -18.84 36.14
C ASN A 12 -1.85 -19.31 37.57
N ASP A 13 -0.89 -18.93 38.41
CA ASP A 13 -0.92 -19.33 39.82
C ASP A 13 -2.09 -18.69 40.57
N ARG A 14 -2.65 -17.62 39.99
CA ARG A 14 -3.76 -16.93 40.61
C ARG A 14 -5.06 -17.23 39.88
N ARG A 15 -5.00 -18.11 38.89
CA ARG A 15 -6.16 -18.47 38.09
C ARG A 15 -6.85 -17.23 37.51
N GLU A 16 -6.06 -16.30 37.01
CA GLU A 16 -6.62 -15.10 36.43
C GLU A 16 -6.04 -14.83 35.05
N GLY A 17 -6.80 -14.11 34.23
CA GLY A 17 -6.36 -13.79 32.90
C GLY A 17 -5.64 -12.46 32.90
N ALA A 18 -5.00 -12.14 31.80
CA ALA A 18 -4.28 -10.88 31.70
C ALA A 18 -5.09 -9.85 30.94
N PHE A 19 -5.01 -8.60 31.39
CA PHE A 19 -5.70 -7.53 30.68
C PHE A 19 -4.60 -6.60 30.16
N VAL A 20 -4.54 -6.46 28.85
CA VAL A 20 -3.51 -5.63 28.22
C VAL A 20 -4.09 -4.50 27.37
N PRO A 21 -3.98 -3.26 27.84
CA PRO A 21 -4.51 -2.13 27.09
C PRO A 21 -3.52 -1.61 26.05
N PHE A 22 -4.04 -0.97 25.00
CA PHE A 22 -3.21 -0.40 23.96
C PHE A 22 -3.43 1.09 23.87
N VAL A 23 -2.35 1.82 23.61
CA VAL A 23 -2.41 3.26 23.43
C VAL A 23 -1.32 3.64 22.45
N THR A 24 -1.46 4.81 21.84
CA THR A 24 -0.46 5.31 20.89
C THR A 24 0.48 6.21 21.69
N LEU A 25 1.79 5.94 21.59
CA LEU A 25 2.77 6.74 22.30
C LEU A 25 2.71 8.19 21.84
N GLY A 26 2.61 9.11 22.78
CA GLY A 26 2.56 10.51 22.44
C GLY A 26 1.17 11.07 22.22
N ASP A 27 0.14 10.25 22.40
CA ASP A 27 -1.23 10.70 22.23
C ASP A 27 -1.88 11.00 23.59
N PRO A 28 -2.35 12.25 23.80
CA PRO A 28 -2.34 13.41 22.91
C PRO A 28 -1.05 14.23 22.98
N GLY A 29 -0.14 13.83 23.86
CA GLY A 29 1.12 14.52 24.00
C GLY A 29 2.08 13.64 24.77
N ILE A 30 3.36 13.97 24.76
CA ILE A 30 4.35 13.16 25.46
C ILE A 30 4.07 13.11 26.97
N GLU A 31 3.82 14.27 27.58
CA GLU A 31 3.54 14.33 29.01
C GLU A 31 2.27 13.62 29.40
N GLN A 32 1.17 13.93 28.72
CA GLN A 32 -0.10 13.30 29.02
C GLN A 32 -0.07 11.81 28.73
N SER A 33 0.68 11.41 27.70
CA SER A 33 0.79 9.99 27.35
C SER A 33 1.51 9.24 28.47
N LEU A 34 2.58 9.84 28.99
CA LEU A 34 3.32 9.20 30.07
C LEU A 34 2.41 9.06 31.29
N LYS A 35 1.55 10.05 31.51
CA LYS A 35 0.62 10.00 32.65
C LYS A 35 -0.47 8.97 32.41
N ILE A 36 -0.92 8.88 31.16
CA ILE A 36 -1.94 7.91 30.79
C ILE A 36 -1.41 6.50 31.05
N ILE A 37 -0.19 6.26 30.58
CA ILE A 37 0.45 4.97 30.75
C ILE A 37 0.61 4.58 32.22
N ASP A 38 0.99 5.54 33.06
CA ASP A 38 1.15 5.26 34.48
C ASP A 38 -0.19 4.94 35.12
N THR A 39 -1.26 5.62 34.66
CA THR A 39 -2.60 5.37 35.19
C THR A 39 -3.07 3.98 34.82
N LEU A 40 -2.78 3.56 33.58
CA LEU A 40 -3.17 2.23 33.13
C LEU A 40 -2.54 1.17 34.01
N ILE A 41 -1.25 1.33 34.30
CA ILE A 41 -0.52 0.39 35.13
C ILE A 41 -1.05 0.36 36.56
N ASP A 42 -1.29 1.55 37.10
CA ASP A 42 -1.79 1.65 38.46
C ASP A 42 -3.22 1.15 38.57
N ALA A 43 -3.94 1.13 37.45
CA ALA A 43 -5.32 0.68 37.43
C ALA A 43 -5.46 -0.84 37.38
N GLY A 44 -4.41 -1.53 36.93
CA GLY A 44 -4.47 -2.98 36.87
C GLY A 44 -3.95 -3.64 35.60
N ALA A 45 -3.37 -2.85 34.70
CA ALA A 45 -2.83 -3.38 33.46
C ALA A 45 -1.73 -4.39 33.73
N ASP A 46 -1.85 -5.58 33.16
CA ASP A 46 -0.84 -6.62 33.34
C ASP A 46 0.32 -6.43 32.38
N ALA A 47 0.02 -5.81 31.24
CA ALA A 47 1.03 -5.56 30.22
C ALA A 47 0.58 -4.38 29.37
N LEU A 48 1.46 -3.90 28.51
CA LEU A 48 1.14 -2.77 27.64
C LEU A 48 1.43 -3.05 26.17
N GLU A 49 0.63 -2.44 25.32
CA GLU A 49 0.80 -2.52 23.88
C GLU A 49 0.88 -1.06 23.47
N LEU A 50 2.06 -0.64 23.04
CA LEU A 50 2.30 0.75 22.69
C LEU A 50 2.61 0.95 21.20
N GLY A 51 1.86 1.83 20.57
CA GLY A 51 2.08 2.08 19.16
C GLY A 51 2.95 3.27 18.89
N VAL A 52 3.83 3.15 17.90
CA VAL A 52 4.69 4.26 17.51
C VAL A 52 3.94 4.92 16.36
N PRO A 53 3.62 6.22 16.48
CA PRO A 53 2.89 6.96 15.45
C PRO A 53 3.45 6.75 14.05
N PHE A 54 2.58 6.31 13.14
CA PHE A 54 2.95 6.06 11.76
C PHE A 54 1.99 6.79 10.82
N SER A 55 2.52 7.30 9.72
CA SER A 55 1.74 8.04 8.74
C SER A 55 0.61 7.25 8.07
N ASP A 56 0.81 5.95 7.90
CA ASP A 56 -0.19 5.14 7.22
C ASP A 56 -0.56 3.82 7.88
N PRO A 57 -1.27 3.88 9.02
CA PRO A 57 -1.71 2.71 9.78
C PRO A 57 -2.86 1.99 9.07
N LEU A 58 -2.54 1.32 7.97
CA LEU A 58 -3.53 0.61 7.15
C LEU A 58 -4.19 -0.61 7.79
N ALA A 59 -3.90 -0.86 9.07
CA ALA A 59 -4.49 -1.99 9.77
C ALA A 59 -5.36 -1.51 10.92
N ASP A 60 -5.45 -0.20 11.08
CA ASP A 60 -6.25 0.39 12.15
C ASP A 60 -7.51 1.10 11.69
N GLY A 61 -8.52 1.09 12.55
CA GLY A 61 -9.77 1.75 12.25
C GLY A 61 -9.67 3.23 12.58
N PRO A 62 -10.78 3.98 12.46
CA PRO A 62 -10.84 5.43 12.73
C PRO A 62 -10.31 5.86 14.10
N THR A 63 -10.61 5.07 15.13
CA THR A 63 -10.17 5.41 16.48
C THR A 63 -8.65 5.54 16.55
N ILE A 64 -7.93 4.48 16.19
CA ILE A 64 -6.46 4.51 16.23
C ILE A 64 -5.91 5.48 15.17
N GLN A 65 -6.59 5.58 14.04
CA GLN A 65 -6.15 6.48 12.99
C GLN A 65 -6.00 7.88 13.58
N ASN A 66 -7.01 8.31 14.33
CA ASN A 66 -7.01 9.62 14.95
C ASN A 66 -6.01 9.70 16.10
N ALA A 67 -5.71 8.56 16.71
CA ALA A 67 -4.74 8.54 17.81
C ALA A 67 -3.39 8.87 17.21
N ASN A 68 -3.09 8.28 16.06
CA ASN A 68 -1.84 8.52 15.37
C ASN A 68 -1.77 9.97 14.92
N LEU A 69 -2.88 10.48 14.42
CA LEU A 69 -2.95 11.86 13.93
C LEU A 69 -2.68 12.84 15.08
N ARG A 70 -3.33 12.61 16.23
CA ARG A 70 -3.12 13.48 17.38
C ARG A 70 -1.64 13.49 17.79
N ALA A 71 -1.02 12.32 17.81
CA ALA A 71 0.38 12.19 18.18
C ALA A 71 1.26 12.98 17.21
N PHE A 72 0.97 12.89 15.92
CA PHE A 72 1.74 13.62 14.91
C PHE A 72 1.57 15.12 15.09
N ALA A 73 0.39 15.52 15.56
CA ALA A 73 0.11 16.93 15.80
C ALA A 73 1.04 17.43 16.89
N ALA A 74 1.51 16.52 17.75
CA ALA A 74 2.41 16.88 18.84
C ALA A 74 3.87 16.75 18.43
N GLY A 75 4.10 16.37 17.18
CA GLY A 75 5.45 16.22 16.68
C GLY A 75 6.16 14.99 17.20
N VAL A 76 5.40 14.01 17.66
CA VAL A 76 5.99 12.78 18.20
C VAL A 76 6.69 11.99 17.10
N THR A 77 7.94 11.61 17.35
CA THR A 77 8.73 10.84 16.40
C THR A 77 9.20 9.53 17.02
N PRO A 78 9.74 8.62 16.19
CA PRO A 78 10.22 7.33 16.70
C PRO A 78 11.32 7.49 17.74
N ALA A 79 12.21 8.46 17.52
CA ALA A 79 13.29 8.72 18.46
C ALA A 79 12.73 9.09 19.83
N GLN A 80 11.72 9.95 19.85
CA GLN A 80 11.11 10.37 21.10
C GLN A 80 10.36 9.21 21.74
N CYS A 81 9.82 8.31 20.91
CA CYS A 81 9.09 7.16 21.43
C CYS A 81 10.06 6.25 22.20
N PHE A 82 11.26 6.09 21.69
CA PHE A 82 12.25 5.25 22.37
C PHE A 82 12.72 5.90 23.67
N GLU A 83 12.69 7.22 23.70
CA GLU A 83 13.08 7.92 24.92
C GLU A 83 11.98 7.67 25.94
N MET A 84 10.73 7.72 25.49
CA MET A 84 9.59 7.46 26.38
C MET A 84 9.66 6.05 26.92
N LEU A 85 9.97 5.11 26.04
CA LEU A 85 10.06 3.70 26.42
C LEU A 85 11.13 3.43 27.48
N ALA A 86 12.27 4.09 27.37
CA ALA A 86 13.35 3.92 28.34
C ALA A 86 12.88 4.41 29.70
N LEU A 87 12.22 5.55 29.70
CA LEU A 87 11.70 6.16 30.92
C LEU A 87 10.65 5.27 31.57
N ILE A 88 9.75 4.75 30.76
CA ILE A 88 8.69 3.88 31.26
C ILE A 88 9.28 2.64 31.94
N ARG A 89 10.29 2.05 31.31
CA ARG A 89 10.94 0.86 31.86
C ARG A 89 11.71 1.17 33.12
N GLU A 90 12.31 2.37 33.18
CA GLU A 90 13.07 2.78 34.35
C GLU A 90 12.16 2.94 35.56
N LYS A 91 10.88 3.21 35.30
CA LYS A 91 9.89 3.39 36.35
C LYS A 91 9.18 2.09 36.69
N HIS A 92 8.97 1.24 35.70
CA HIS A 92 8.26 -0.02 35.87
C HIS A 92 9.14 -1.14 35.35
N PRO A 93 9.86 -1.81 36.25
CA PRO A 93 10.75 -2.90 35.86
C PRO A 93 10.19 -4.26 35.43
N THR A 94 8.96 -4.59 35.81
CA THR A 94 8.45 -5.91 35.46
C THR A 94 7.33 -6.01 34.43
N ILE A 95 6.58 -4.93 34.24
CA ILE A 95 5.48 -4.97 33.29
C ILE A 95 5.95 -5.23 31.85
N PRO A 96 5.35 -6.23 31.19
CA PRO A 96 5.73 -6.53 29.81
C PRO A 96 5.34 -5.37 28.91
N ILE A 97 6.24 -4.97 28.02
CA ILE A 97 5.97 -3.87 27.11
C ILE A 97 6.09 -4.35 25.67
N GLY A 98 4.99 -4.23 24.93
CA GLY A 98 5.02 -4.65 23.53
C GLY A 98 4.79 -3.46 22.63
N LEU A 99 5.46 -3.44 21.49
CA LEU A 99 5.28 -2.34 20.54
C LEU A 99 4.44 -2.81 19.36
N LEU A 100 3.63 -1.89 18.84
CA LEU A 100 2.81 -2.16 17.67
C LEU A 100 3.47 -1.29 16.61
N MET A 101 4.12 -1.95 15.66
CA MET A 101 4.84 -1.26 14.60
C MET A 101 4.31 -1.55 13.21
N TYR A 102 4.72 -0.71 12.28
CA TYR A 102 4.41 -0.89 10.87
C TYR A 102 5.81 -1.11 10.29
N ALA A 103 5.90 -2.06 9.36
CA ALA A 103 7.17 -2.45 8.76
C ALA A 103 8.18 -1.38 8.39
N ASN A 104 7.74 -0.32 7.74
CA ASN A 104 8.72 0.68 7.36
C ASN A 104 9.52 1.30 8.50
N LEU A 105 8.90 1.45 9.67
CA LEU A 105 9.58 2.03 10.81
C LEU A 105 10.65 1.07 11.37
N VAL A 106 10.43 -0.22 11.14
CA VAL A 106 11.37 -1.25 11.59
C VAL A 106 12.50 -1.39 10.57
N PHE A 107 12.14 -1.34 9.29
CA PHE A 107 13.09 -1.48 8.20
C PHE A 107 13.95 -0.24 7.95
N ASN A 108 13.36 0.93 8.20
CA ASN A 108 14.00 2.23 7.98
C ASN A 108 15.50 2.33 8.23
N ASN A 109 15.92 2.10 9.47
CA ASN A 109 17.34 2.20 9.83
C ASN A 109 18.02 0.85 10.00
N GLY A 110 17.41 -0.20 9.45
CA GLY A 110 17.97 -1.52 9.58
C GLY A 110 17.13 -2.34 10.55
N ILE A 111 16.70 -3.52 10.12
CA ILE A 111 15.89 -4.36 10.97
C ILE A 111 16.61 -4.80 12.24
N ASP A 112 17.85 -5.26 12.08
CA ASP A 112 18.63 -5.70 13.23
C ASP A 112 18.81 -4.56 14.21
N ALA A 113 19.13 -3.38 13.70
CA ALA A 113 19.33 -2.20 14.52
C ALA A 113 18.07 -1.85 15.32
N PHE A 114 16.90 -2.03 14.69
CA PHE A 114 15.66 -1.70 15.37
C PHE A 114 15.44 -2.58 16.60
N TYR A 115 15.60 -3.89 16.42
CA TYR A 115 15.40 -4.80 17.54
C TYR A 115 16.48 -4.61 18.61
N ALA A 116 17.66 -4.16 18.19
CA ALA A 116 18.74 -3.91 19.15
C ALA A 116 18.34 -2.75 20.05
N ARG A 117 17.72 -1.73 19.45
CA ARG A 117 17.29 -0.56 20.21
C ARG A 117 16.17 -0.95 21.17
N CYS A 118 15.29 -1.83 20.70
CA CYS A 118 14.18 -2.31 21.54
C CYS A 118 14.76 -2.98 22.78
N GLU A 119 15.78 -3.82 22.57
CA GLU A 119 16.39 -4.51 23.69
C GLU A 119 17.07 -3.56 24.67
N GLN A 120 17.71 -2.52 24.15
CA GLN A 120 18.41 -1.60 25.04
C GLN A 120 17.48 -0.72 25.89
N VAL A 121 16.28 -0.40 25.42
CA VAL A 121 15.38 0.40 26.22
C VAL A 121 14.47 -0.46 27.09
N GLY A 122 14.52 -1.77 26.89
CA GLY A 122 13.71 -2.66 27.72
C GLY A 122 12.40 -3.16 27.16
N VAL A 123 12.19 -3.04 25.84
CA VAL A 123 10.97 -3.53 25.21
C VAL A 123 10.96 -5.07 25.24
N ASP A 124 9.79 -5.68 25.39
CA ASP A 124 9.69 -7.15 25.45
C ASP A 124 9.23 -7.84 24.18
N SER A 125 8.37 -7.18 23.41
CA SER A 125 7.88 -7.78 22.17
C SER A 125 7.60 -6.73 21.11
N VAL A 126 7.52 -7.19 19.87
CA VAL A 126 7.24 -6.31 18.73
C VAL A 126 6.29 -7.03 17.79
N LEU A 127 5.19 -6.36 17.47
CA LEU A 127 4.20 -6.88 16.54
C LEU A 127 4.26 -5.96 15.32
N VAL A 128 4.61 -6.50 14.16
CA VAL A 128 4.68 -5.69 12.96
C VAL A 128 3.37 -5.97 12.21
N ALA A 129 2.46 -5.01 12.28
CA ALA A 129 1.12 -5.13 11.70
C ALA A 129 1.02 -5.58 10.25
N ASP A 130 1.95 -5.13 9.41
CA ASP A 130 1.89 -5.50 8.00
C ASP A 130 2.95 -6.49 7.53
N VAL A 131 3.36 -7.37 8.43
CA VAL A 131 4.32 -8.42 8.10
C VAL A 131 3.70 -9.76 8.46
N PRO A 132 3.20 -10.50 7.45
CA PRO A 132 2.59 -11.81 7.64
C PRO A 132 3.68 -12.84 7.85
N VAL A 133 3.32 -14.04 8.30
CA VAL A 133 4.34 -15.06 8.53
C VAL A 133 5.22 -15.22 7.28
N GLU A 134 4.60 -15.10 6.12
CA GLU A 134 5.28 -15.25 4.84
C GLU A 134 6.49 -14.32 4.63
N GLU A 135 6.47 -13.13 5.24
CA GLU A 135 7.58 -12.18 5.10
C GLU A 135 8.29 -11.98 6.43
N SER A 136 7.95 -12.79 7.43
CA SER A 136 8.50 -12.64 8.77
C SER A 136 9.94 -13.06 9.07
N ALA A 137 10.56 -13.90 8.23
CA ALA A 137 11.91 -14.36 8.52
C ALA A 137 12.92 -13.36 9.12
N PRO A 138 13.30 -12.32 8.35
CA PRO A 138 14.26 -11.36 8.91
C PRO A 138 13.82 -10.66 10.21
N PHE A 139 12.53 -10.44 10.38
CA PHE A 139 12.01 -9.78 11.59
C PHE A 139 12.06 -10.71 12.79
N ARG A 140 11.59 -11.96 12.63
CA ARG A 140 11.62 -12.86 13.77
C ARG A 140 13.05 -13.22 14.16
N GLN A 141 13.93 -13.36 13.17
CA GLN A 141 15.32 -13.69 13.43
C GLN A 141 16.00 -12.57 14.22
N ALA A 142 15.80 -11.33 13.79
CA ALA A 142 16.39 -10.19 14.47
C ALA A 142 15.81 -10.07 15.89
N ALA A 143 14.52 -10.36 16.01
CA ALA A 143 13.87 -10.29 17.32
C ALA A 143 14.55 -11.27 18.28
N LEU A 144 14.67 -12.52 17.86
CA LEU A 144 15.28 -13.55 18.70
C LEU A 144 16.73 -13.23 19.05
N ARG A 145 17.49 -12.69 18.11
CA ARG A 145 18.88 -12.35 18.40
C ARG A 145 18.99 -11.30 19.50
N HIS A 146 17.93 -10.51 19.69
CA HIS A 146 17.96 -9.47 20.71
C HIS A 146 17.01 -9.70 21.87
N ASN A 147 16.61 -10.96 22.06
CA ASN A 147 15.73 -11.34 23.16
C ASN A 147 14.40 -10.62 23.17
N ILE A 148 13.90 -10.32 21.97
CA ILE A 148 12.62 -9.65 21.81
C ILE A 148 11.66 -10.70 21.27
N ALA A 149 10.44 -10.72 21.81
CA ALA A 149 9.45 -11.69 21.35
C ALA A 149 8.76 -11.20 20.08
N PRO A 150 8.83 -11.99 19.00
CA PRO A 150 8.16 -11.55 17.77
C PRO A 150 6.72 -12.03 17.87
N ILE A 151 5.77 -11.09 17.80
CA ILE A 151 4.36 -11.46 17.92
C ILE A 151 3.72 -11.86 16.59
N PHE A 152 3.12 -13.04 16.56
CA PHE A 152 2.46 -13.54 15.35
C PHE A 152 0.95 -13.50 15.51
N ILE A 153 0.27 -13.37 14.38
CA ILE A 153 -1.18 -13.26 14.36
C ILE A 153 -1.90 -14.52 13.93
N CYS A 154 -2.81 -15.00 14.76
CA CYS A 154 -3.59 -16.19 14.43
C CYS A 154 -4.99 -15.72 14.08
N PRO A 155 -5.32 -15.69 12.77
CA PRO A 155 -6.65 -15.26 12.32
C PRO A 155 -7.72 -16.29 12.66
N PRO A 156 -9.00 -15.86 12.67
CA PRO A 156 -10.13 -16.75 12.99
C PRO A 156 -10.33 -17.88 11.98
N ASN A 157 -9.86 -17.69 10.76
CA ASN A 157 -10.01 -18.70 9.71
C ASN A 157 -8.66 -19.32 9.38
N ALA A 158 -7.79 -19.42 10.40
CA ALA A 158 -6.47 -19.99 10.21
C ALA A 158 -6.50 -21.51 10.07
N ASP A 159 -5.78 -22.01 9.08
CA ASP A 159 -5.71 -23.45 8.84
C ASP A 159 -4.63 -24.07 9.72
N ASP A 160 -4.59 -25.40 9.74
CA ASP A 160 -3.62 -26.11 10.56
C ASP A 160 -2.18 -25.69 10.24
N ASP A 161 -1.87 -25.55 8.96
CA ASP A 161 -0.53 -25.16 8.53
C ASP A 161 -0.09 -23.86 9.21
N LEU A 162 -0.97 -22.86 9.20
CA LEU A 162 -0.68 -21.58 9.81
C LEU A 162 -0.53 -21.72 11.32
N LEU A 163 -1.44 -22.46 11.94
CA LEU A 163 -1.40 -22.68 13.37
C LEU A 163 -0.04 -23.19 13.82
N ARG A 164 0.49 -24.15 13.07
CA ARG A 164 1.80 -24.73 13.39
C ARG A 164 2.91 -23.69 13.26
N GLN A 165 2.85 -22.87 12.22
CA GLN A 165 3.86 -21.84 12.00
C GLN A 165 3.81 -20.79 13.09
N VAL A 166 2.61 -20.31 13.40
CA VAL A 166 2.45 -19.30 14.43
C VAL A 166 2.94 -19.82 15.79
N ALA A 167 2.67 -21.09 16.07
CA ALA A 167 3.07 -21.70 17.32
C ALA A 167 4.58 -21.89 17.42
N SER A 168 5.22 -22.16 16.28
CA SER A 168 6.66 -22.37 16.26
C SER A 168 7.49 -21.09 16.20
N TYR A 169 7.02 -20.10 15.46
CA TYR A 169 7.75 -18.84 15.31
C TYR A 169 7.47 -17.80 16.39
N GLY A 170 6.26 -17.79 16.93
CA GLY A 170 5.89 -16.83 17.95
C GLY A 170 6.53 -16.99 19.31
N ARG A 171 6.55 -15.89 20.07
CA ARG A 171 7.12 -15.85 21.42
C ARG A 171 6.35 -14.83 22.26
N GLY A 172 6.47 -14.93 23.58
CA GLY A 172 5.79 -13.99 24.46
C GLY A 172 4.32 -14.34 24.59
N TYR A 173 3.58 -14.11 23.53
CA TYR A 173 2.16 -14.42 23.51
C TYR A 173 1.72 -14.54 22.05
N THR A 174 0.67 -15.31 21.82
CA THR A 174 0.13 -15.49 20.48
C THR A 174 -1.04 -14.54 20.34
N TYR A 175 -1.06 -13.77 19.28
CA TYR A 175 -2.15 -12.83 19.07
C TYR A 175 -3.34 -13.54 18.43
N LEU A 176 -4.45 -13.60 19.14
CA LEU A 176 -5.64 -14.26 18.63
C LEU A 176 -6.63 -13.21 18.12
N LEU A 177 -6.76 -13.11 16.79
CA LEU A 177 -7.69 -12.15 16.19
C LEU A 177 -9.14 -12.58 16.45
N SER A 178 -9.94 -11.65 16.96
CA SER A 178 -11.34 -11.94 17.26
C SER A 178 -12.18 -11.96 16.00
N ARG A 179 -11.69 -11.26 14.97
CA ARG A 179 -12.41 -11.17 13.70
C ARG A 179 -11.50 -10.64 12.61
N SER A 180 -12.03 -10.56 11.40
CA SER A 180 -11.29 -10.02 10.28
C SER A 180 -11.52 -8.52 10.33
N GLY A 181 -10.92 -7.77 9.40
CA GLY A 181 -11.09 -6.33 9.39
C GLY A 181 -9.99 -5.60 10.15
N VAL A 182 -10.25 -4.34 10.48
CA VAL A 182 -9.28 -3.53 11.20
C VAL A 182 -9.72 -3.25 12.64
N THR A 183 -8.84 -2.64 13.42
CA THR A 183 -9.11 -2.31 14.82
C THR A 183 -10.33 -1.41 14.93
N GLY A 184 -11.15 -1.63 15.97
CA GLY A 184 -12.33 -0.81 16.16
C GLY A 184 -13.20 -1.31 17.29
N HIS A 194 -12.03 -20.64 20.30
CA HIS A 194 -12.35 -21.84 21.07
C HIS A 194 -11.60 -23.03 20.50
N HIS A 195 -11.80 -23.27 19.21
CA HIS A 195 -11.15 -24.36 18.50
C HIS A 195 -9.68 -24.02 18.25
N LEU A 196 -9.43 -22.79 17.84
CA LEU A 196 -8.08 -22.32 17.56
C LEU A 196 -7.27 -22.28 18.86
N ILE A 197 -7.93 -21.94 19.95
CA ILE A 197 -7.29 -21.86 21.25
C ILE A 197 -6.74 -23.21 21.69
N GLU A 198 -7.53 -24.27 21.52
CA GLU A 198 -7.13 -25.61 21.91
C GLU A 198 -5.97 -26.12 21.07
N LYS A 199 -6.06 -25.92 19.76
CA LYS A 199 -5.01 -26.37 18.86
C LYS A 199 -3.69 -25.63 19.13
N LEU A 200 -3.78 -24.36 19.51
CA LEU A 200 -2.58 -23.59 19.82
C LEU A 200 -1.86 -24.22 21.01
N LYS A 201 -2.63 -24.64 22.00
CA LYS A 201 -2.07 -25.27 23.19
C LYS A 201 -1.46 -26.62 22.82
N GLU A 202 -2.09 -27.29 21.87
CA GLU A 202 -1.62 -28.60 21.43
C GLU A 202 -0.26 -28.46 20.78
N TYR A 203 -0.03 -27.33 20.11
CA TYR A 203 1.23 -27.08 19.43
C TYR A 203 2.24 -26.28 20.25
N HIS A 204 2.01 -26.19 21.56
CA HIS A 204 2.90 -25.48 22.46
C HIS A 204 3.13 -24.03 22.08
N ALA A 205 2.08 -23.35 21.61
CA ALA A 205 2.19 -21.95 21.22
C ALA A 205 2.26 -21.06 22.45
N ALA A 206 2.80 -19.85 22.27
CA ALA A 206 2.87 -18.91 23.39
C ALA A 206 1.44 -18.62 23.82
N PRO A 207 1.23 -18.30 25.10
CA PRO A 207 -0.12 -18.01 25.63
C PRO A 207 -0.89 -17.07 24.71
N ALA A 208 -2.16 -17.37 24.50
CA ALA A 208 -2.99 -16.55 23.62
C ALA A 208 -3.66 -15.36 24.27
N LEU A 209 -3.60 -14.23 23.57
CA LEU A 209 -4.23 -12.98 24.00
C LEU A 209 -5.19 -12.59 22.87
N GLN A 210 -6.47 -12.50 23.20
CA GLN A 210 -7.47 -12.13 22.19
C GLN A 210 -7.51 -10.62 22.00
N GLY A 211 -7.54 -10.18 20.75
CA GLY A 211 -7.59 -8.76 20.45
C GLY A 211 -8.54 -8.42 19.32
N PHE A 212 -8.94 -7.15 19.24
CA PHE A 212 -9.87 -6.61 18.23
C PHE A 212 -11.31 -6.70 18.72
N GLY A 213 -11.93 -5.55 18.92
CA GLY A 213 -13.31 -5.54 19.36
C GLY A 213 -13.57 -5.72 20.85
N ILE A 214 -12.53 -5.99 21.63
CA ILE A 214 -12.70 -6.17 23.08
C ILE A 214 -12.89 -4.81 23.75
N SER A 215 -14.10 -4.53 24.22
CA SER A 215 -14.38 -3.24 24.87
C SER A 215 -15.25 -3.31 26.12
N SER A 216 -15.56 -4.53 26.56
CA SER A 216 -16.40 -4.69 27.75
C SER A 216 -15.87 -5.76 28.69
N PRO A 217 -16.12 -5.62 29.99
CA PRO A 217 -15.66 -6.57 31.00
C PRO A 217 -16.05 -8.02 30.70
N GLU A 218 -17.29 -8.22 30.27
CA GLU A 218 -17.77 -9.58 29.97
C GLU A 218 -17.00 -10.24 28.82
N GLN A 219 -16.46 -9.43 27.92
CA GLN A 219 -15.68 -9.97 26.79
C GLN A 219 -14.36 -10.50 27.33
N VAL A 220 -13.84 -9.82 28.35
CA VAL A 220 -12.59 -10.23 28.98
C VAL A 220 -12.80 -11.56 29.70
N SER A 221 -13.96 -11.70 30.35
CA SER A 221 -14.27 -12.93 31.07
C SER A 221 -14.56 -14.08 30.10
N ALA A 222 -15.18 -13.75 28.98
CA ALA A 222 -15.51 -14.75 27.97
C ALA A 222 -14.23 -15.32 27.36
N ALA A 223 -13.29 -14.45 27.06
CA ALA A 223 -12.01 -14.87 26.46
C ALA A 223 -11.26 -15.81 27.39
N VAL A 224 -11.16 -15.42 28.66
CA VAL A 224 -10.47 -16.24 29.66
C VAL A 224 -11.12 -17.60 29.82
N ARG A 225 -12.44 -17.63 29.86
CA ARG A 225 -13.18 -18.90 30.01
C ARG A 225 -13.05 -19.76 28.77
N ALA A 226 -12.77 -19.13 27.63
CA ALA A 226 -12.63 -19.84 26.37
C ALA A 226 -11.28 -20.55 26.33
N GLY A 227 -10.37 -20.15 27.20
CA GLY A 227 -9.06 -20.77 27.24
C GLY A 227 -7.90 -19.82 26.97
N ALA A 228 -8.22 -18.58 26.62
CA ALA A 228 -7.19 -17.59 26.34
C ALA A 228 -6.52 -17.14 27.65
N ALA A 229 -5.26 -16.72 27.54
CA ALA A 229 -4.51 -16.28 28.71
C ALA A 229 -4.87 -14.84 29.08
N GLY A 230 -5.62 -14.17 28.22
CA GLY A 230 -6.00 -12.81 28.50
C GLY A 230 -6.63 -12.11 27.31
N ALA A 231 -6.80 -10.79 27.42
CA ALA A 231 -7.40 -10.00 26.36
C ALA A 231 -6.74 -8.64 26.21
N ILE A 232 -6.76 -8.13 24.99
CA ILE A 232 -6.18 -6.83 24.69
C ILE A 232 -7.31 -5.89 24.27
N SER A 233 -7.22 -4.63 24.68
CA SER A 233 -8.23 -3.63 24.34
C SER A 233 -7.53 -2.34 23.93
N GLY A 234 -7.90 -1.82 22.75
CA GLY A 234 -7.28 -0.59 22.28
C GLY A 234 -8.24 0.56 22.07
N SER A 235 -9.01 0.49 20.99
CA SER A 235 -9.98 1.54 20.66
C SER A 235 -10.81 1.96 21.87
N ALA A 236 -11.26 1.00 22.66
CA ALA A 236 -12.05 1.31 23.84
C ALA A 236 -11.28 2.24 24.77
N ILE A 237 -9.96 2.01 24.85
CA ILE A 237 -9.08 2.82 25.69
C ILE A 237 -8.86 4.20 25.05
N VAL A 238 -8.52 4.20 23.77
CA VAL A 238 -8.25 5.42 23.02
C VAL A 238 -9.46 6.34 22.95
N LYS A 239 -10.66 5.74 22.93
CA LYS A 239 -11.90 6.49 22.86
C LYS A 239 -12.05 7.37 24.10
N ILE A 240 -11.62 6.86 25.25
CA ILE A 240 -11.69 7.60 26.50
C ILE A 240 -10.76 8.81 26.43
N ILE A 241 -9.67 8.66 25.69
CA ILE A 241 -8.70 9.75 25.53
C ILE A 241 -9.26 10.82 24.60
N GLU A 242 -9.82 10.38 23.47
CA GLU A 242 -10.35 11.30 22.47
C GLU A 242 -11.56 12.12 22.90
N LYS A 243 -12.22 11.70 23.97
CA LYS A 243 -13.39 12.45 24.42
C LYS A 243 -13.18 13.18 25.76
N ASN A 244 -11.92 13.36 26.12
CA ASN A 244 -11.54 14.04 27.36
C ASN A 244 -10.27 14.89 27.18
N LEU A 245 -9.97 15.26 25.93
CA LEU A 245 -8.78 16.05 25.64
C LEU A 245 -8.71 17.34 26.45
N ALA A 246 -9.84 18.04 26.53
CA ALA A 246 -9.92 19.31 27.26
C ALA A 246 -9.99 19.07 28.77
N SER A 247 -10.05 17.80 29.16
CA SER A 247 -10.13 17.45 30.57
C SER A 247 -9.13 16.36 30.94
N PRO A 248 -7.85 16.73 31.04
CA PRO A 248 -6.75 15.82 31.39
C PRO A 248 -7.02 14.96 32.63
N LYS A 249 -7.42 15.59 33.73
CA LYS A 249 -7.70 14.89 34.97
C LYS A 249 -8.79 13.83 34.81
N GLN A 250 -9.95 14.26 34.32
CA GLN A 250 -11.08 13.37 34.13
C GLN A 250 -10.69 12.21 33.20
N MET A 251 -9.83 12.52 32.23
CA MET A 251 -9.37 11.49 31.30
C MET A 251 -8.73 10.36 32.08
N LEU A 252 -7.78 10.70 32.95
CA LEU A 252 -7.10 9.73 33.77
C LEU A 252 -8.08 9.01 34.70
N ALA A 253 -9.04 9.76 35.23
CA ALA A 253 -10.02 9.18 36.13
C ALA A 253 -10.89 8.14 35.41
N GLU A 254 -11.33 8.47 34.21
CA GLU A 254 -12.16 7.56 33.44
C GLU A 254 -11.37 6.35 32.97
N LEU A 255 -10.11 6.57 32.59
CA LEU A 255 -9.26 5.48 32.14
C LEU A 255 -9.07 4.49 33.28
N ARG A 256 -8.87 5.02 34.48
CA ARG A 256 -8.67 4.17 35.65
C ARG A 256 -9.89 3.32 35.94
N SER A 257 -11.08 3.92 35.88
CA SER A 257 -12.32 3.18 36.15
C SER A 257 -12.52 2.08 35.12
N PHE A 258 -12.22 2.40 33.87
CA PHE A 258 -12.36 1.46 32.77
C PHE A 258 -11.42 0.27 32.94
N VAL A 259 -10.12 0.56 33.06
CA VAL A 259 -9.11 -0.49 33.23
C VAL A 259 -9.35 -1.35 34.45
N SER A 260 -9.72 -0.72 35.58
CA SER A 260 -9.97 -1.46 36.81
C SER A 260 -11.14 -2.42 36.60
N ALA A 261 -12.14 -1.99 35.82
CA ALA A 261 -13.30 -2.83 35.56
C ALA A 261 -12.93 -3.99 34.65
N MET A 262 -12.12 -3.72 33.63
CA MET A 262 -11.70 -4.76 32.69
C MET A 262 -10.82 -5.79 33.38
N LYS A 263 -9.86 -5.32 34.17
CA LYS A 263 -8.98 -6.23 34.88
C LYS A 263 -9.73 -7.10 35.87
N ALA A 264 -10.69 -6.51 36.57
CA ALA A 264 -11.47 -7.26 37.56
C ALA A 264 -12.16 -8.45 36.90
N ALA A 265 -12.56 -8.27 35.64
CA ALA A 265 -13.22 -9.32 34.89
C ALA A 265 -12.28 -10.48 34.59
N SER A 266 -10.97 -10.23 34.64
CA SER A 266 -9.99 -11.27 34.35
C SER A 266 -9.63 -12.12 35.57
N ARG A 267 -9.98 -11.64 36.77
CA ARG A 267 -9.68 -12.38 37.98
C ARG A 267 -10.75 -13.43 38.27
N ALA A 268 -11.94 -13.08 38.21
N THR B 1 3.62 -20.31 1.02
CA THR B 1 4.09 -20.63 -0.37
C THR B 1 3.16 -20.03 -1.42
N THR B 2 3.71 -19.70 -2.57
CA THR B 2 2.92 -19.13 -3.66
C THR B 2 3.22 -19.86 -4.96
N LEU B 3 2.34 -19.69 -5.95
CA LEU B 3 2.51 -20.34 -7.24
C LEU B 3 3.55 -19.60 -8.08
N LEU B 4 3.60 -18.28 -7.90
CA LEU B 4 4.51 -17.42 -8.64
C LEU B 4 5.44 -16.68 -7.68
N ASN B 5 6.58 -16.22 -8.21
CA ASN B 5 7.56 -15.50 -7.41
C ASN B 5 7.02 -14.12 -7.06
N PRO B 6 6.89 -13.81 -5.75
CA PRO B 6 6.37 -12.50 -5.35
C PRO B 6 7.41 -11.39 -5.46
N TYR B 7 8.66 -11.78 -5.73
CA TYR B 7 9.76 -10.82 -5.82
C TYR B 7 10.42 -10.66 -7.19
N PHE B 8 10.95 -9.46 -7.39
CA PHE B 8 11.71 -9.08 -8.59
C PHE B 8 13.02 -8.68 -7.91
N GLY B 9 13.93 -9.63 -7.79
CA GLY B 9 15.18 -9.35 -7.11
C GLY B 9 14.82 -9.16 -5.64
N GLU B 10 15.20 -8.03 -5.05
CA GLU B 10 14.92 -7.73 -3.64
C GLU B 10 13.59 -6.99 -3.46
N PHE B 11 12.98 -6.58 -4.56
CA PHE B 11 11.77 -5.78 -4.52
C PHE B 11 10.46 -6.56 -4.66
N GLY B 12 9.42 -6.10 -3.96
CA GLY B 12 8.13 -6.77 -4.05
C GLY B 12 7.65 -7.37 -2.74
N GLY B 13 7.17 -8.59 -2.79
CA GLY B 13 6.69 -9.24 -1.58
C GLY B 13 5.21 -9.06 -1.30
N MET B 14 4.79 -9.57 -0.14
CA MET B 14 3.40 -9.52 0.29
C MET B 14 3.35 -9.00 1.71
N TYR B 15 3.62 -7.70 1.88
CA TYR B 15 3.62 -7.10 3.19
C TYR B 15 2.26 -6.56 3.60
N VAL B 16 1.34 -7.46 3.87
CA VAL B 16 -0.01 -7.09 4.30
C VAL B 16 -0.30 -7.84 5.60
N PRO B 17 -1.32 -7.37 6.34
CA PRO B 17 -1.67 -8.04 7.58
C PRO B 17 -1.99 -9.51 7.31
N GLN B 18 -1.71 -10.37 8.28
CA GLN B 18 -1.96 -11.80 8.15
C GLN B 18 -3.36 -12.11 7.63
N ILE B 19 -4.34 -11.33 8.07
CA ILE B 19 -5.73 -11.54 7.69
C ILE B 19 -5.99 -11.42 6.19
N LEU B 20 -5.13 -10.67 5.48
CA LEU B 20 -5.31 -10.49 4.04
C LEU B 20 -4.61 -11.50 3.16
N MET B 21 -3.76 -12.34 3.73
CA MET B 21 -3.04 -13.32 2.92
C MET B 21 -3.96 -14.29 2.18
N PRO B 22 -5.06 -14.74 2.80
CA PRO B 22 -5.93 -15.66 2.07
C PRO B 22 -6.45 -15.03 0.78
N ALA B 23 -6.78 -13.74 0.85
CA ALA B 23 -7.29 -13.04 -0.32
C ALA B 23 -6.22 -12.99 -1.42
N LEU B 24 -4.97 -12.73 -1.05
CA LEU B 24 -3.91 -12.67 -2.05
C LEU B 24 -3.66 -14.04 -2.67
N ASN B 25 -3.71 -15.09 -1.84
CA ASN B 25 -3.49 -16.44 -2.32
C ASN B 25 -4.59 -16.85 -3.28
N GLN B 26 -5.82 -16.51 -2.93
CA GLN B 26 -6.96 -16.84 -3.77
C GLN B 26 -6.84 -16.12 -5.12
N LEU B 27 -6.50 -14.85 -5.08
CA LEU B 27 -6.36 -14.05 -6.29
C LEU B 27 -5.25 -14.60 -7.19
N GLU B 28 -4.12 -14.97 -6.58
CA GLU B 28 -3.03 -15.51 -7.37
C GLU B 28 -3.44 -16.80 -8.07
N GLU B 29 -4.14 -17.67 -7.35
CA GLU B 29 -4.58 -18.93 -7.92
C GLU B 29 -5.62 -18.70 -9.03
N ALA B 30 -6.52 -17.76 -8.81
CA ALA B 30 -7.54 -17.45 -9.81
C ALA B 30 -6.87 -16.89 -11.05
N PHE B 31 -5.85 -16.06 -10.84
CA PHE B 31 -5.12 -15.47 -11.96
C PHE B 31 -4.39 -16.54 -12.78
N VAL B 32 -3.66 -17.42 -12.10
CA VAL B 32 -2.92 -18.48 -12.79
C VAL B 32 -3.86 -19.36 -13.60
N ARG B 33 -5.00 -19.70 -13.02
CA ARG B 33 -5.96 -20.53 -13.72
C ARG B 33 -6.57 -19.81 -14.91
N ALA B 34 -6.91 -18.54 -14.72
CA ALA B 34 -7.49 -17.75 -15.80
C ALA B 34 -6.53 -17.61 -16.98
N GLN B 35 -5.24 -17.50 -16.68
CA GLN B 35 -4.23 -17.34 -17.73
C GLN B 35 -4.07 -18.59 -18.59
N LYS B 36 -4.57 -19.73 -18.10
CA LYS B 36 -4.50 -20.98 -18.85
C LYS B 36 -5.86 -21.37 -19.40
N ASP B 37 -6.84 -20.49 -19.21
CA ASP B 37 -8.21 -20.75 -19.65
C ASP B 37 -8.51 -20.05 -20.98
N PRO B 38 -8.62 -20.81 -22.08
CA PRO B 38 -8.90 -20.22 -23.39
C PRO B 38 -10.19 -19.40 -23.41
N GLU B 39 -11.15 -19.82 -22.60
CA GLU B 39 -12.44 -19.13 -22.52
C GLU B 39 -12.26 -17.76 -21.88
N PHE B 40 -11.44 -17.69 -20.84
CA PHE B 40 -11.19 -16.41 -20.17
C PHE B 40 -10.47 -15.47 -21.12
N GLN B 41 -9.45 -15.97 -21.78
CA GLN B 41 -8.68 -15.16 -22.72
C GLN B 41 -9.56 -14.64 -23.86
N ALA B 42 -10.48 -15.48 -24.32
CA ALA B 42 -11.37 -15.08 -25.41
C ALA B 42 -12.32 -13.97 -24.97
N GLN B 43 -12.84 -14.07 -23.74
CA GLN B 43 -13.74 -13.05 -23.23
C GLN B 43 -12.99 -11.72 -23.07
N PHE B 44 -11.79 -11.80 -22.51
CA PHE B 44 -10.96 -10.62 -22.32
C PHE B 44 -10.64 -9.97 -23.67
N ALA B 45 -10.25 -10.78 -24.65
CA ALA B 45 -9.93 -10.27 -25.98
C ALA B 45 -11.14 -9.61 -26.63
N ASP B 46 -12.31 -10.22 -26.45
CA ASP B 46 -13.53 -9.67 -27.03
C ASP B 46 -13.84 -8.30 -26.46
N LEU B 47 -13.71 -8.15 -25.14
CA LEU B 47 -13.96 -6.86 -24.51
C LEU B 47 -12.95 -5.82 -24.97
N LEU B 48 -11.68 -6.21 -25.01
CA LEU B 48 -10.65 -5.28 -25.44
C LEU B 48 -10.88 -4.77 -26.86
N LYS B 49 -11.27 -5.66 -27.75
CA LYS B 49 -11.50 -5.32 -29.14
C LYS B 49 -12.81 -4.59 -29.42
N ASN B 50 -13.91 -5.21 -29.05
CA ASN B 50 -15.23 -4.67 -29.35
C ASN B 50 -15.82 -3.64 -28.39
N TYR B 51 -15.25 -3.53 -27.20
CA TYR B 51 -15.73 -2.56 -26.22
C TYR B 51 -14.72 -1.42 -26.01
N ALA B 52 -13.47 -1.77 -25.75
CA ALA B 52 -12.44 -0.75 -25.51
C ALA B 52 -11.84 -0.14 -26.76
N GLY B 53 -11.85 -0.87 -27.87
CA GLY B 53 -11.31 -0.33 -29.11
C GLY B 53 -9.92 -0.77 -29.52
N ARG B 54 -9.43 -1.86 -28.96
CA ARG B 54 -8.10 -2.34 -29.34
C ARG B 54 -8.19 -3.00 -30.72
N PRO B 55 -7.09 -2.99 -31.49
CA PRO B 55 -5.80 -2.37 -31.17
C PRO B 55 -5.83 -0.87 -31.36
N THR B 56 -4.97 -0.18 -30.63
CA THR B 56 -4.85 1.26 -30.74
C THR B 56 -3.79 1.53 -31.79
N ALA B 57 -3.91 2.67 -32.46
CA ALA B 57 -2.95 3.05 -33.48
C ALA B 57 -1.54 3.33 -32.97
N LEU B 58 -0.60 3.27 -33.91
CA LEU B 58 0.80 3.60 -33.63
C LEU B 58 1.03 4.72 -34.65
N THR B 59 1.02 5.95 -34.15
CA THR B 59 1.12 7.15 -34.96
C THR B 59 2.53 7.71 -35.15
N LYS B 60 2.91 7.90 -36.41
CA LYS B 60 4.20 8.47 -36.72
C LYS B 60 4.09 9.99 -36.75
N CYS B 61 4.89 10.66 -35.91
CA CYS B 61 4.94 12.10 -35.92
C CYS B 61 5.63 12.50 -37.24
N GLN B 62 5.04 13.44 -37.95
CA GLN B 62 5.56 13.91 -39.23
C GLN B 62 5.98 15.40 -39.16
N ASN B 63 5.83 16.03 -38.00
CA ASN B 63 6.20 17.44 -37.87
C ASN B 63 7.15 17.73 -36.72
N ILE B 64 6.90 17.11 -35.57
CA ILE B 64 7.72 17.34 -34.37
C ILE B 64 9.22 16.95 -34.47
N THR B 65 9.58 16.10 -35.42
CA THR B 65 10.97 15.62 -35.55
C THR B 65 11.66 16.22 -36.76
N ALA B 66 10.98 17.09 -37.49
CA ALA B 66 11.56 17.72 -38.67
C ALA B 66 12.92 18.34 -38.33
N GLY B 67 13.89 18.18 -39.23
CA GLY B 67 15.21 18.75 -39.03
C GLY B 67 16.15 17.89 -38.19
N THR B 68 15.68 16.72 -37.76
CA THR B 68 16.52 15.82 -36.95
C THR B 68 16.50 14.44 -37.56
N ARG B 69 17.34 13.55 -37.03
CA ARG B 69 17.38 12.18 -37.52
C ARG B 69 16.60 11.24 -36.61
N THR B 70 15.67 11.81 -35.84
CA THR B 70 14.83 11.03 -34.94
C THR B 70 13.49 10.75 -35.64
N THR B 71 13.03 9.50 -35.56
CA THR B 71 11.74 9.09 -36.12
C THR B 71 10.97 8.72 -34.86
N LEU B 72 9.86 9.42 -34.63
CA LEU B 72 9.06 9.19 -33.43
C LEU B 72 7.66 8.67 -33.69
N TYR B 73 7.30 7.61 -32.97
CA TYR B 73 5.96 7.02 -33.07
C TYR B 73 5.32 7.16 -31.69
N LEU B 74 4.00 7.29 -31.67
CA LEU B 74 3.25 7.39 -30.42
C LEU B 74 2.24 6.26 -30.37
N LYS B 75 2.31 5.43 -29.32
CA LYS B 75 1.36 4.34 -29.14
C LYS B 75 0.13 5.03 -28.54
N ARG B 76 -0.96 5.00 -29.30
CA ARG B 76 -2.18 5.74 -28.95
C ARG B 76 -3.16 5.23 -27.92
N GLU B 77 -2.71 5.09 -26.68
CA GLU B 77 -3.60 4.62 -25.63
C GLU B 77 -4.62 5.72 -25.30
N ASP B 78 -4.39 6.92 -25.82
CA ASP B 78 -5.30 8.05 -25.61
C ASP B 78 -6.60 7.78 -26.37
N LEU B 79 -6.56 6.86 -27.32
CA LEU B 79 -7.75 6.53 -28.11
C LEU B 79 -8.54 5.36 -27.54
N LEU B 80 -8.04 4.76 -26.47
CA LEU B 80 -8.74 3.64 -25.84
C LEU B 80 -9.97 4.18 -25.12
N HIS B 81 -11.04 3.39 -25.05
CA HIS B 81 -12.25 3.80 -24.36
C HIS B 81 -11.88 4.24 -22.93
N GLY B 82 -12.33 5.42 -22.52
CA GLY B 82 -11.99 5.93 -21.20
C GLY B 82 -10.96 7.04 -21.32
N GLY B 83 -10.13 6.96 -22.37
CA GLY B 83 -9.13 7.98 -22.59
C GLY B 83 -7.74 7.69 -22.04
N ALA B 84 -7.53 6.48 -21.52
CA ALA B 84 -6.22 6.11 -20.97
C ALA B 84 -6.03 4.61 -20.94
N HIS B 85 -4.78 4.18 -20.77
CA HIS B 85 -4.44 2.76 -20.74
C HIS B 85 -5.11 2.00 -19.58
N LYS B 86 -5.52 2.73 -18.55
CA LYS B 86 -6.14 2.11 -17.38
C LYS B 86 -7.25 1.11 -17.71
N THR B 87 -7.98 1.40 -18.78
CA THR B 87 -9.09 0.54 -19.18
C THR B 87 -8.70 -0.91 -19.48
N ASN B 88 -7.51 -1.12 -20.02
CA ASN B 88 -7.10 -2.48 -20.34
C ASN B 88 -7.18 -3.46 -19.18
N GLN B 89 -6.44 -3.16 -18.13
CA GLN B 89 -6.38 -4.07 -17.01
C GLN B 89 -7.60 -4.14 -16.10
N VAL B 90 -8.41 -3.09 -16.07
CA VAL B 90 -9.61 -3.14 -15.23
C VAL B 90 -10.57 -4.16 -15.83
N LEU B 91 -10.59 -4.27 -17.15
CA LEU B 91 -11.46 -5.24 -17.80
C LEU B 91 -11.01 -6.65 -17.38
N GLY B 92 -9.70 -6.85 -17.34
CA GLY B 92 -9.16 -8.14 -16.96
C GLY B 92 -9.44 -8.45 -15.49
N GLN B 93 -9.17 -7.48 -14.62
CA GLN B 93 -9.43 -7.69 -13.19
C GLN B 93 -10.91 -7.89 -12.90
N ALA B 94 -11.78 -7.21 -13.65
CA ALA B 94 -13.22 -7.36 -13.44
C ALA B 94 -13.64 -8.79 -13.78
N LEU B 95 -13.02 -9.36 -14.83
CA LEU B 95 -13.33 -10.73 -15.21
C LEU B 95 -12.82 -11.70 -14.15
N LEU B 96 -11.68 -11.39 -13.55
CA LEU B 96 -11.12 -12.24 -12.51
C LEU B 96 -12.06 -12.26 -11.30
N ALA B 97 -12.53 -11.09 -10.92
CA ALA B 97 -13.44 -10.96 -9.79
C ALA B 97 -14.65 -11.87 -9.99
N LYS B 98 -15.21 -11.84 -11.20
CA LYS B 98 -16.37 -12.65 -11.52
C LYS B 98 -16.02 -14.14 -11.53
N ARG B 99 -14.79 -14.45 -11.93
CA ARG B 99 -14.34 -15.84 -11.98
C ARG B 99 -14.28 -16.42 -10.56
N MET B 100 -13.92 -15.57 -9.60
CA MET B 100 -13.83 -16.00 -8.21
C MET B 100 -15.21 -15.96 -7.55
N GLY B 101 -16.21 -15.48 -8.29
CA GLY B 101 -17.54 -15.40 -7.74
C GLY B 101 -17.81 -14.15 -6.93
N LYS B 102 -16.96 -13.13 -7.11
CA LYS B 102 -17.11 -11.87 -6.38
C LYS B 102 -18.14 -10.99 -7.08
N SER B 103 -18.92 -10.24 -6.29
CA SER B 103 -19.95 -9.36 -6.84
C SER B 103 -19.67 -7.89 -6.59
N GLU B 104 -18.67 -7.61 -5.76
CA GLU B 104 -18.32 -6.23 -5.43
C GLU B 104 -16.88 -5.90 -5.83
N ILE B 105 -16.65 -4.62 -6.14
CA ILE B 105 -15.34 -4.14 -6.54
C ILE B 105 -14.92 -2.96 -5.68
N ILE B 106 -13.68 -3.00 -5.19
CA ILE B 106 -13.13 -1.91 -4.40
C ILE B 106 -12.00 -1.33 -5.23
N ALA B 107 -11.92 -0.01 -5.32
CA ALA B 107 -10.87 0.63 -6.09
C ALA B 107 -10.40 1.91 -5.45
N GLU B 108 -9.14 2.25 -5.70
CA GLU B 108 -8.55 3.47 -5.18
C GLU B 108 -8.19 4.32 -6.39
N THR B 109 -8.18 5.63 -6.25
CA THR B 109 -7.80 6.48 -7.36
C THR B 109 -7.33 7.82 -6.85
N GLY B 110 -6.44 8.44 -7.61
CA GLY B 110 -5.90 9.74 -7.24
C GLY B 110 -6.42 10.78 -8.21
N ALA B 111 -5.98 10.66 -9.47
CA ALA B 111 -6.42 11.58 -10.51
C ALA B 111 -7.85 11.26 -10.90
N GLY B 112 -8.27 10.03 -10.63
CA GLY B 112 -9.63 9.63 -10.95
C GLY B 112 -9.78 8.84 -12.22
N GLN B 113 -8.71 8.76 -13.01
CA GLN B 113 -8.74 8.02 -14.27
C GLN B 113 -8.97 6.53 -14.05
N HIS B 114 -8.26 5.95 -13.09
CA HIS B 114 -8.46 4.54 -12.80
C HIS B 114 -9.84 4.37 -12.19
N GLY B 115 -10.28 5.37 -11.44
CA GLY B 115 -11.60 5.31 -10.82
C GLY B 115 -12.67 5.23 -11.90
N VAL B 116 -12.53 6.06 -12.92
CA VAL B 116 -13.47 6.06 -14.03
C VAL B 116 -13.42 4.74 -14.77
N ALA B 117 -12.21 4.21 -14.96
CA ALA B 117 -12.04 2.93 -15.65
C ALA B 117 -12.72 1.82 -14.85
N SER B 118 -12.51 1.84 -13.54
CA SER B 118 -13.11 0.82 -12.67
C SER B 118 -14.64 0.90 -12.72
N ALA B 119 -15.15 2.13 -12.73
CA ALA B 119 -16.60 2.34 -12.75
C ALA B 119 -17.23 1.88 -14.06
N LEU B 120 -16.58 2.20 -15.19
CA LEU B 120 -17.14 1.81 -16.48
C LEU B 120 -17.15 0.29 -16.64
N ALA B 121 -16.09 -0.35 -16.18
CA ALA B 121 -15.97 -1.81 -16.28
C ALA B 121 -17.00 -2.48 -15.38
N SER B 122 -17.21 -1.91 -14.19
CA SER B 122 -18.17 -2.47 -13.26
C SER B 122 -19.59 -2.31 -13.78
N ALA B 123 -19.86 -1.18 -14.43
CA ALA B 123 -21.19 -0.93 -14.98
C ALA B 123 -21.48 -1.95 -16.09
N LEU B 124 -20.49 -2.18 -16.93
CA LEU B 124 -20.63 -3.12 -18.05
C LEU B 124 -20.79 -4.56 -17.58
N LEU B 125 -19.99 -4.96 -16.60
CA LEU B 125 -20.01 -6.33 -16.13
C LEU B 125 -20.87 -6.64 -14.91
N GLY B 126 -21.72 -5.70 -14.51
CA GLY B 126 -22.61 -5.89 -13.39
C GLY B 126 -22.00 -6.12 -12.02
N LEU B 127 -21.00 -5.31 -11.68
CA LEU B 127 -20.34 -5.42 -10.39
C LEU B 127 -20.63 -4.17 -9.57
N LYS B 128 -20.83 -4.35 -8.26
CA LYS B 128 -21.09 -3.22 -7.37
C LYS B 128 -19.74 -2.59 -7.09
N CYS B 129 -19.53 -1.37 -7.56
CA CYS B 129 -18.26 -0.68 -7.42
C CYS B 129 -18.21 0.46 -6.42
N ARG B 130 -17.28 0.36 -5.47
CA ARG B 130 -17.08 1.41 -4.49
C ARG B 130 -15.64 1.89 -4.65
N ILE B 131 -15.46 3.20 -4.77
CA ILE B 131 -14.16 3.82 -4.99
C ILE B 131 -13.70 4.75 -3.88
N TYR B 132 -12.50 4.50 -3.38
CA TYR B 132 -11.92 5.34 -2.32
C TYR B 132 -11.03 6.38 -2.96
N MET B 133 -11.19 7.62 -2.54
CA MET B 133 -10.41 8.71 -3.11
C MET B 133 -10.09 9.74 -2.04
N GLY B 134 -8.82 10.16 -1.95
CA GLY B 134 -8.47 11.16 -0.95
C GLY B 134 -9.34 12.40 -1.09
N ALA B 135 -9.81 12.94 0.03
CA ALA B 135 -10.65 14.14 0.02
C ALA B 135 -10.05 15.29 -0.77
N LYS B 136 -8.73 15.43 -0.73
CA LYS B 136 -8.08 16.51 -1.48
C LYS B 136 -8.23 16.28 -2.96
N ASP B 137 -8.13 15.02 -3.37
CA ASP B 137 -8.26 14.68 -4.78
C ASP B 137 -9.69 14.80 -5.27
N VAL B 138 -10.65 14.47 -4.42
CA VAL B 138 -12.05 14.58 -4.78
C VAL B 138 -12.38 16.03 -5.10
N GLU B 139 -11.78 16.94 -4.33
CA GLU B 139 -12.01 18.37 -4.53
C GLU B 139 -11.41 18.84 -5.86
N ARG B 140 -10.26 18.29 -6.23
CA ARG B 140 -9.57 18.67 -7.45
C ARG B 140 -9.99 17.87 -8.68
N GLN B 141 -10.88 16.90 -8.49
CA GLN B 141 -11.32 16.06 -9.60
C GLN B 141 -12.83 15.87 -9.63
N SER B 142 -13.56 16.97 -9.51
CA SER B 142 -15.01 16.93 -9.53
C SER B 142 -15.57 16.27 -10.80
N PRO B 143 -14.98 16.57 -11.97
CA PRO B 143 -15.50 15.94 -13.19
C PRO B 143 -15.47 14.42 -13.13
N ASN B 144 -14.30 13.87 -12.83
CA ASN B 144 -14.14 12.42 -12.75
C ASN B 144 -15.04 11.80 -11.68
N VAL B 145 -15.24 12.52 -10.58
CA VAL B 145 -16.09 12.02 -9.51
C VAL B 145 -17.52 11.90 -10.02
N PHE B 146 -17.96 12.87 -10.80
CA PHE B 146 -19.32 12.82 -11.34
C PHE B 146 -19.47 11.71 -12.37
N ARG B 147 -18.41 11.46 -13.14
CA ARG B 147 -18.45 10.40 -14.15
C ARG B 147 -18.58 9.04 -13.48
N MET B 148 -17.88 8.87 -12.37
CA MET B 148 -17.93 7.61 -11.62
C MET B 148 -19.35 7.37 -11.10
N ARG B 149 -19.97 8.41 -10.55
CA ARG B 149 -21.33 8.27 -10.03
C ARG B 149 -22.35 8.06 -11.15
N LEU B 150 -22.14 8.73 -12.28
CA LEU B 150 -23.03 8.57 -13.43
C LEU B 150 -23.02 7.12 -13.87
N MET B 151 -21.87 6.46 -13.75
CA MET B 151 -21.75 5.08 -14.15
C MET B 151 -22.10 4.09 -13.04
N GLY B 152 -22.75 4.59 -12.00
CA GLY B 152 -23.19 3.74 -10.89
C GLY B 152 -22.22 3.46 -9.77
N ALA B 153 -21.01 4.00 -9.84
CA ALA B 153 -20.02 3.76 -8.80
C ALA B 153 -20.26 4.60 -7.56
N GLU B 154 -19.83 4.07 -6.41
CA GLU B 154 -19.95 4.75 -5.14
C GLU B 154 -18.58 5.36 -4.82
N VAL B 155 -18.50 6.68 -4.75
CA VAL B 155 -17.24 7.35 -4.45
C VAL B 155 -17.19 7.73 -2.97
N ILE B 156 -16.13 7.29 -2.29
CA ILE B 156 -15.95 7.55 -0.86
C ILE B 156 -14.73 8.40 -0.55
N PRO B 157 -14.94 9.64 -0.07
CA PRO B 157 -13.80 10.50 0.27
C PRO B 157 -13.04 10.00 1.49
N VAL B 158 -11.71 10.08 1.44
CA VAL B 158 -10.89 9.64 2.56
C VAL B 158 -10.22 10.86 3.17
N HIS B 159 -10.61 11.18 4.39
CA HIS B 159 -10.07 12.35 5.07
C HIS B 159 -8.85 12.10 5.95
N SER B 160 -8.51 10.84 6.15
CA SER B 160 -7.37 10.49 6.99
C SER B 160 -6.04 10.81 6.30
N GLY B 161 -4.97 10.84 7.09
CA GLY B 161 -3.65 11.12 6.55
C GLY B 161 -3.57 12.44 5.80
N SER B 162 -2.91 12.44 4.65
CA SER B 162 -2.77 13.63 3.84
C SER B 162 -3.98 13.83 2.91
N ALA B 163 -4.95 12.93 3.01
CA ALA B 163 -6.17 12.99 2.19
C ALA B 163 -5.89 12.87 0.70
N THR B 164 -4.91 12.05 0.35
CA THR B 164 -4.56 11.85 -1.05
C THR B 164 -4.49 10.36 -1.41
N LEU B 165 -3.88 10.06 -2.54
CA LEU B 165 -3.78 8.68 -3.02
C LEU B 165 -3.33 7.62 -2.02
N LYS B 166 -2.19 7.83 -1.36
CA LYS B 166 -1.71 6.84 -0.42
C LYS B 166 -2.73 6.55 0.67
N ASP B 167 -3.46 7.58 1.08
CA ASP B 167 -4.47 7.42 2.12
C ASP B 167 -5.65 6.63 1.58
N ALA B 168 -5.96 6.81 0.30
CA ALA B 168 -7.05 6.08 -0.34
C ALA B 168 -6.62 4.63 -0.44
N CYS B 169 -5.33 4.42 -0.69
CA CYS B 169 -4.75 3.09 -0.80
C CYS B 169 -4.91 2.36 0.53
N ASN B 170 -4.68 3.07 1.63
CA ASN B 170 -4.82 2.47 2.95
C ASN B 170 -6.27 2.06 3.21
N GLU B 171 -7.20 2.97 2.92
CA GLU B 171 -8.62 2.70 3.13
C GLU B 171 -9.09 1.49 2.35
N ALA B 172 -8.57 1.34 1.13
CA ALA B 172 -8.95 0.22 0.28
C ALA B 172 -8.55 -1.10 0.93
N LEU B 173 -7.33 -1.14 1.45
CA LEU B 173 -6.82 -2.33 2.11
C LEU B 173 -7.56 -2.59 3.42
N ARG B 174 -7.97 -1.53 4.11
CA ARG B 174 -8.69 -1.67 5.37
C ARG B 174 -10.05 -2.31 5.09
N ASP B 175 -10.69 -1.83 4.04
CA ASP B 175 -11.99 -2.32 3.62
C ASP B 175 -11.90 -3.78 3.20
N TRP B 176 -10.93 -4.06 2.34
CA TRP B 176 -10.73 -5.41 1.83
C TRP B 176 -10.41 -6.42 2.92
N SER B 177 -9.71 -5.98 3.97
CA SER B 177 -9.34 -6.88 5.06
C SER B 177 -10.54 -7.49 5.76
N GLY B 178 -11.72 -6.90 5.56
CA GLY B 178 -12.91 -7.42 6.20
C GLY B 178 -14.06 -7.68 5.23
N SER B 179 -13.76 -7.69 3.94
CA SER B 179 -14.80 -7.92 2.95
C SER B 179 -14.34 -8.73 1.74
N TYR B 180 -13.09 -9.20 1.78
CA TYR B 180 -12.53 -9.97 0.68
C TYR B 180 -13.37 -11.19 0.29
N GLU B 181 -14.26 -11.64 1.18
CA GLU B 181 -15.08 -12.80 0.87
C GLU B 181 -16.03 -12.53 -0.29
N THR B 182 -16.53 -11.31 -0.40
CA THR B 182 -17.45 -10.98 -1.49
C THR B 182 -16.98 -9.82 -2.37
N ALA B 183 -15.88 -9.18 -2.00
CA ALA B 183 -15.37 -8.05 -2.77
C ALA B 183 -13.94 -8.23 -3.25
N HIS B 184 -13.67 -7.75 -4.47
CA HIS B 184 -12.33 -7.82 -5.05
C HIS B 184 -11.71 -6.42 -5.06
N TYR B 185 -10.44 -6.32 -4.71
CA TYR B 185 -9.76 -5.03 -4.71
C TYR B 185 -9.09 -4.80 -6.06
N MET B 186 -9.64 -3.91 -6.84
CA MET B 186 -9.09 -3.62 -8.16
C MET B 186 -8.01 -2.54 -8.09
N LEU B 187 -6.79 -2.96 -7.75
CA LEU B 187 -5.64 -2.06 -7.62
C LEU B 187 -5.35 -1.43 -8.98
N GLY B 188 -5.05 -0.13 -8.98
CA GLY B 188 -4.84 0.58 -10.23
C GLY B 188 -3.49 0.71 -10.90
N THR B 189 -2.46 0.10 -10.33
CA THR B 189 -1.13 0.21 -10.94
C THR B 189 -0.31 -1.06 -10.70
N ALA B 190 0.87 -1.12 -11.30
CA ALA B 190 1.72 -2.32 -11.15
C ALA B 190 2.54 -2.25 -9.87
N ALA B 191 1.84 -2.10 -8.76
CA ALA B 191 2.47 -2.01 -7.45
C ALA B 191 1.58 -2.69 -6.43
N GLY B 192 1.91 -2.53 -5.16
CA GLY B 192 1.12 -3.18 -4.12
C GLY B 192 1.67 -4.58 -3.89
N PRO B 193 1.00 -5.40 -3.09
CA PRO B 193 1.44 -6.76 -2.79
C PRO B 193 1.25 -7.74 -3.94
N HIS B 194 2.11 -8.75 -3.98
CA HIS B 194 1.98 -9.78 -4.98
C HIS B 194 0.60 -10.38 -4.70
N PRO B 195 -0.13 -10.78 -5.75
CA PRO B 195 0.18 -10.81 -7.17
C PRO B 195 -0.11 -9.58 -8.05
N TYR B 196 -0.46 -8.45 -7.45
CA TYR B 196 -0.80 -7.29 -8.28
C TYR B 196 0.23 -6.78 -9.29
N PRO B 197 1.51 -6.63 -8.90
CA PRO B 197 2.46 -6.14 -9.90
C PRO B 197 2.52 -7.05 -11.13
N THR B 198 2.34 -8.35 -10.89
CA THR B 198 2.36 -9.34 -11.95
C THR B 198 1.08 -9.30 -12.77
N ILE B 199 -0.06 -9.30 -12.09
CA ILE B 199 -1.35 -9.28 -12.78
C ILE B 199 -1.54 -8.05 -13.67
N VAL B 200 -1.21 -6.88 -13.12
CA VAL B 200 -1.38 -5.64 -13.87
C VAL B 200 -0.47 -5.61 -15.09
N ARG B 201 0.75 -6.16 -14.97
CA ARG B 201 1.66 -6.21 -16.10
C ARG B 201 1.07 -7.08 -17.21
N GLU B 202 0.62 -8.27 -16.84
CA GLU B 202 0.07 -9.20 -17.83
C GLU B 202 -1.21 -8.67 -18.47
N PHE B 203 -1.97 -7.88 -17.73
CA PHE B 203 -3.21 -7.31 -18.27
C PHE B 203 -2.98 -5.98 -19.00
N GLN B 204 -1.72 -5.54 -19.10
CA GLN B 204 -1.37 -4.31 -19.83
C GLN B 204 -0.34 -4.66 -20.92
N ARG B 205 0.09 -5.92 -20.95
CA ARG B 205 1.10 -6.39 -21.89
C ARG B 205 0.78 -6.20 -23.38
N MET B 206 -0.49 -6.10 -23.70
CA MET B 206 -0.88 -5.93 -25.10
C MET B 206 -0.39 -4.60 -25.67
N ILE B 207 -0.06 -3.65 -24.81
CA ILE B 207 0.43 -2.37 -25.31
C ILE B 207 1.74 -2.63 -26.04
N GLY B 208 2.68 -3.30 -25.36
CA GLY B 208 3.96 -3.62 -25.96
C GLY B 208 3.85 -4.61 -27.11
N GLU B 209 3.01 -5.62 -26.95
CA GLU B 209 2.84 -6.64 -28.00
C GLU B 209 2.35 -6.01 -29.30
N GLU B 210 1.39 -5.10 -29.19
CA GLU B 210 0.88 -4.43 -30.38
C GLU B 210 1.96 -3.53 -30.98
N THR B 211 2.64 -2.77 -30.12
CA THR B 211 3.68 -1.86 -30.57
C THR B 211 4.74 -2.60 -31.36
N LYS B 212 5.13 -3.77 -30.87
CA LYS B 212 6.15 -4.55 -31.56
C LYS B 212 5.67 -4.96 -32.95
N ALA B 213 4.46 -5.50 -33.03
CA ALA B 213 3.91 -5.93 -34.32
C ALA B 213 3.77 -4.75 -35.27
N GLN B 214 3.29 -3.62 -34.74
CA GLN B 214 3.09 -2.43 -35.56
C GLN B 214 4.39 -1.80 -36.03
N ILE B 215 5.39 -1.72 -35.17
CA ILE B 215 6.65 -1.12 -35.59
C ILE B 215 7.37 -2.02 -36.58
N LEU B 216 7.24 -3.34 -36.44
CA LEU B 216 7.90 -4.25 -37.37
C LEU B 216 7.26 -4.10 -38.75
N ASP B 217 5.94 -3.97 -38.76
CA ASP B 217 5.20 -3.83 -40.01
C ASP B 217 5.55 -2.50 -40.70
N LYS B 218 5.67 -1.43 -39.92
CA LYS B 218 5.94 -0.11 -40.48
C LYS B 218 7.41 0.24 -40.76
N GLU B 219 8.31 -0.26 -39.93
CA GLU B 219 9.74 0.05 -40.08
C GLU B 219 10.61 -1.16 -40.36
N GLY B 220 10.05 -2.35 -40.19
CA GLY B 220 10.82 -3.55 -40.46
C GLY B 220 11.90 -3.84 -39.43
N ARG B 221 11.82 -3.19 -38.28
CA ARG B 221 12.80 -3.39 -37.22
C ARG B 221 12.23 -2.93 -35.88
N LEU B 222 12.90 -3.30 -34.80
CA LEU B 222 12.45 -2.92 -33.45
C LEU B 222 12.92 -1.51 -33.15
N PRO B 223 12.24 -0.83 -32.21
CA PRO B 223 12.70 0.53 -31.91
C PRO B 223 14.02 0.55 -31.16
N ASP B 224 14.71 1.68 -31.21
CA ASP B 224 15.95 1.83 -30.46
C ASP B 224 15.61 1.99 -28.99
N ALA B 225 14.43 2.53 -28.72
CA ALA B 225 13.98 2.71 -27.34
C ALA B 225 12.49 2.98 -27.27
N VAL B 226 11.88 2.48 -26.20
CA VAL B 226 10.46 2.72 -25.94
C VAL B 226 10.47 3.54 -24.64
N ILE B 227 9.67 4.60 -24.63
CA ILE B 227 9.67 5.54 -23.52
C ILE B 227 8.28 5.71 -22.90
N ALA B 228 8.22 5.66 -21.58
CA ALA B 228 6.93 5.78 -20.89
C ALA B 228 7.04 6.44 -19.53
N CYS B 229 6.02 7.22 -19.16
CA CYS B 229 6.02 7.88 -17.85
C CYS B 229 5.79 6.81 -16.79
N VAL B 230 6.24 7.09 -15.58
CA VAL B 230 6.12 6.15 -14.48
C VAL B 230 5.56 6.79 -13.21
N GLY B 231 4.31 6.46 -12.93
CA GLY B 231 3.63 6.93 -11.74
C GLY B 231 3.72 5.74 -10.81
N GLY B 232 2.94 4.70 -11.10
CA GLY B 232 2.98 3.48 -10.31
C GLY B 232 3.75 2.45 -11.13
N GLY B 233 3.72 2.63 -12.45
CA GLY B 233 4.43 1.74 -13.35
C GLY B 233 3.61 0.87 -14.29
N SER B 234 2.29 1.01 -14.30
CA SER B 234 1.50 0.15 -15.18
C SER B 234 1.59 0.41 -16.68
N ASN B 235 1.48 1.66 -17.14
CA ASN B 235 1.57 1.86 -18.57
C ASN B 235 2.98 1.56 -19.06
N ALA B 236 3.98 1.87 -18.25
CA ALA B 236 5.35 1.61 -18.65
C ALA B 236 5.67 0.12 -18.71
N ILE B 237 5.26 -0.64 -17.71
CA ILE B 237 5.56 -2.07 -17.76
C ILE B 237 4.72 -2.72 -18.85
N GLY B 238 3.56 -2.14 -19.16
CA GLY B 238 2.74 -2.68 -20.22
C GLY B 238 3.45 -2.54 -21.55
N MET B 239 4.12 -1.40 -21.74
CA MET B 239 4.86 -1.17 -22.97
C MET B 239 6.18 -1.97 -22.98
N PHE B 240 6.88 -2.01 -21.85
CA PHE B 240 8.17 -2.71 -21.72
C PHE B 240 8.17 -4.24 -21.83
N ALA B 241 7.19 -4.86 -21.18
CA ALA B 241 7.12 -6.32 -21.08
C ALA B 241 7.56 -7.16 -22.27
N ASP B 242 6.92 -6.99 -23.41
CA ASP B 242 7.24 -7.80 -24.57
C ASP B 242 8.59 -7.50 -25.19
N PHE B 243 9.25 -6.44 -24.73
CA PHE B 243 10.55 -6.05 -25.26
C PHE B 243 11.71 -6.39 -24.31
N ILE B 244 11.39 -6.82 -23.09
CA ILE B 244 12.44 -7.13 -22.13
C ILE B 244 13.50 -8.08 -22.68
N ASN B 245 13.08 -9.11 -23.42
CA ASN B 245 14.03 -10.07 -23.97
C ASN B 245 14.71 -9.60 -25.25
N ASP B 246 14.33 -8.42 -25.74
CA ASP B 246 14.94 -7.85 -26.93
C ASP B 246 15.99 -6.87 -26.43
N THR B 247 17.14 -7.40 -26.05
CA THR B 247 18.23 -6.62 -25.50
C THR B 247 18.61 -5.32 -26.22
N SER B 248 18.40 -5.26 -27.53
CA SER B 248 18.75 -4.07 -28.29
C SER B 248 17.78 -2.91 -28.08
N VAL B 249 16.59 -3.22 -27.56
CA VAL B 249 15.58 -2.19 -27.33
C VAL B 249 15.73 -1.53 -25.95
N GLY B 250 15.98 -0.23 -25.95
CA GLY B 250 16.11 0.48 -24.70
C GLY B 250 14.74 0.66 -24.06
N LEU B 251 14.70 0.59 -22.73
CA LEU B 251 13.47 0.76 -21.96
C LEU B 251 13.72 1.97 -21.07
N ILE B 252 13.01 3.06 -21.34
CA ILE B 252 13.19 4.28 -20.57
C ILE B 252 11.93 4.71 -19.83
N GLY B 253 12.03 4.78 -18.50
CA GLY B 253 10.89 5.19 -17.68
C GLY B 253 11.12 6.62 -17.22
N VAL B 254 10.06 7.43 -17.25
CA VAL B 254 10.17 8.82 -16.87
C VAL B 254 9.34 9.18 -15.64
N GLU B 255 10.02 9.49 -14.53
CA GLU B 255 9.34 9.87 -13.31
C GLU B 255 9.16 11.39 -13.30
N PRO B 256 8.17 11.90 -12.56
CA PRO B 256 7.96 13.35 -12.51
C PRO B 256 9.02 14.05 -11.67
N GLY B 257 9.63 15.09 -12.24
CA GLY B 257 10.63 15.84 -11.51
C GLY B 257 10.03 17.03 -10.79
N GLY B 258 8.74 17.26 -10.98
CA GLY B 258 8.07 18.36 -10.30
C GLY B 258 8.71 19.71 -10.53
N HIS B 259 9.01 20.42 -9.44
CA HIS B 259 9.66 21.73 -9.54
C HIS B 259 11.16 21.60 -9.70
N GLY B 260 11.65 20.37 -9.68
CA GLY B 260 13.07 20.12 -9.79
C GLY B 260 13.51 19.15 -8.70
N ILE B 261 14.31 18.16 -9.04
CA ILE B 261 14.75 17.20 -8.04
C ILE B 261 15.38 17.89 -6.83
N GLU B 262 16.18 18.93 -7.08
CA GLU B 262 16.85 19.63 -6.00
C GLU B 262 15.93 20.39 -5.03
N THR B 263 14.69 20.64 -5.45
CA THR B 263 13.75 21.34 -4.60
C THR B 263 13.08 20.39 -3.60
N GLY B 264 13.18 19.10 -3.88
CA GLY B 264 12.54 18.12 -3.01
C GLY B 264 11.07 17.95 -3.34
N GLU B 265 10.55 18.79 -4.23
CA GLU B 265 9.15 18.69 -4.65
C GLU B 265 9.06 17.99 -5.99
N HIS B 266 9.07 16.66 -5.93
CA HIS B 266 9.03 15.83 -7.12
C HIS B 266 8.32 14.52 -6.79
N GLY B 267 8.32 13.60 -7.75
CA GLY B 267 7.68 12.30 -7.53
C GLY B 267 8.54 11.24 -8.19
N ALA B 268 9.84 11.27 -7.90
CA ALA B 268 10.79 10.33 -8.49
C ALA B 268 11.46 9.46 -7.45
N PRO B 269 10.69 8.58 -6.79
CA PRO B 269 11.26 7.70 -5.77
C PRO B 269 12.25 6.65 -6.28
N LEU B 270 12.06 6.16 -7.51
CA LEU B 270 12.96 5.14 -8.02
C LEU B 270 14.40 5.63 -8.03
N LYS B 271 14.62 6.82 -8.58
CA LYS B 271 15.98 7.35 -8.65
C LYS B 271 16.37 8.32 -7.55
N HIS B 272 15.41 8.87 -6.82
CA HIS B 272 15.75 9.83 -5.78
C HIS B 272 15.11 9.57 -4.42
N GLY B 273 14.54 8.39 -4.26
CA GLY B 273 13.94 8.03 -2.99
C GLY B 273 14.81 7.02 -2.27
N ARG B 274 14.21 6.29 -1.34
CA ARG B 274 14.93 5.28 -0.58
C ARG B 274 14.01 4.06 -0.42
N VAL B 275 14.59 2.86 -0.56
CA VAL B 275 13.79 1.65 -0.42
C VAL B 275 13.13 1.59 0.95
N GLY B 276 11.86 1.21 0.96
CA GLY B 276 11.11 1.08 2.19
C GLY B 276 10.07 0.00 2.02
N ILE B 277 9.22 -0.17 3.02
CA ILE B 277 8.16 -1.17 2.98
C ILE B 277 6.84 -0.48 3.29
N TYR B 278 5.95 -0.47 2.30
CA TYR B 278 4.65 0.14 2.44
C TYR B 278 3.73 -0.31 1.31
N PHE B 279 2.43 -0.23 1.55
CA PHE B 279 1.41 -0.63 0.60
C PHE B 279 1.64 -2.07 0.13
N GLY B 280 2.03 -2.92 1.05
CA GLY B 280 2.25 -4.32 0.77
C GLY B 280 3.49 -4.72 -0.01
N MET B 281 4.42 -3.80 -0.23
CA MET B 281 5.62 -4.13 -1.01
C MET B 281 6.89 -3.45 -0.52
N LYS B 282 8.02 -4.04 -0.88
CA LYS B 282 9.33 -3.45 -0.59
C LYS B 282 9.72 -2.78 -1.90
N ALA B 283 9.83 -1.46 -1.87
CA ALA B 283 10.15 -0.72 -3.07
C ALA B 283 10.66 0.66 -2.71
N PRO B 284 11.29 1.36 -3.68
CA PRO B 284 11.77 2.70 -3.35
C PRO B 284 10.58 3.63 -3.14
N MET B 285 10.67 4.54 -2.18
CA MET B 285 9.54 5.45 -1.95
C MET B 285 9.90 6.83 -1.43
N MET B 286 8.89 7.68 -1.44
CA MET B 286 8.99 9.05 -0.93
C MET B 286 8.73 8.89 0.56
N GLN B 287 9.75 9.16 1.37
CA GLN B 287 9.61 9.03 2.82
C GLN B 287 10.57 9.95 3.56
N THR B 288 10.22 10.31 4.79
CA THR B 288 11.05 11.17 5.62
C THR B 288 12.23 10.37 6.14
N ALA B 289 13.20 11.06 6.73
CA ALA B 289 14.38 10.40 7.28
C ALA B 289 13.98 9.42 8.38
N ASP B 290 12.84 9.68 9.03
CA ASP B 290 12.35 8.81 10.10
C ASP B 290 11.62 7.58 9.58
N GLY B 291 11.13 7.64 8.36
CA GLY B 291 10.42 6.51 7.80
C GLY B 291 8.93 6.74 7.61
N GLN B 292 8.49 7.99 7.68
CA GLN B 292 7.08 8.30 7.48
C GLN B 292 6.87 8.47 5.98
N ILE B 293 5.76 7.97 5.46
CA ILE B 293 5.49 8.05 4.01
C ILE B 293 5.03 9.45 3.58
N GLU B 294 5.62 9.93 2.49
CA GLU B 294 5.31 11.25 1.95
C GLU B 294 4.57 11.15 0.62
N GLU B 295 4.11 12.29 0.12
CA GLU B 295 3.37 12.34 -1.14
C GLU B 295 4.30 12.70 -2.29
N SER B 296 3.89 12.36 -3.51
CA SER B 296 4.68 12.69 -4.68
C SER B 296 4.09 13.95 -5.31
N TYR B 297 4.94 14.96 -5.54
CA TYR B 297 4.44 16.17 -6.19
C TYR B 297 4.73 16.18 -7.68
N SER B 298 3.74 16.61 -8.45
CA SER B 298 3.88 16.75 -9.89
C SER B 298 2.73 17.60 -10.40
N ILE B 299 2.95 18.30 -11.49
CA ILE B 299 1.91 19.12 -12.09
C ILE B 299 0.80 18.17 -12.54
N SER B 300 1.17 16.93 -12.83
CA SER B 300 0.20 15.93 -13.27
C SER B 300 -0.28 15.08 -12.08
N ALA B 301 -1.59 15.09 -11.86
CA ALA B 301 -2.17 14.35 -10.74
C ALA B 301 -1.96 12.85 -10.87
N GLY B 302 -1.84 12.36 -12.10
CA GLY B 302 -1.67 10.94 -12.33
C GLY B 302 -0.33 10.33 -11.93
N LEU B 303 0.70 11.15 -11.78
CA LEU B 303 2.00 10.63 -11.39
C LEU B 303 2.20 10.84 -9.89
N ASP B 304 1.11 10.69 -9.13
CA ASP B 304 1.08 10.88 -7.68
C ASP B 304 1.36 9.70 -6.75
N PHE B 305 1.48 8.48 -7.30
CA PHE B 305 1.76 7.32 -6.45
C PHE B 305 3.12 7.59 -5.78
N PRO B 306 3.17 7.64 -4.44
CA PRO B 306 4.45 7.92 -3.76
C PRO B 306 5.57 6.88 -3.76
N SER B 307 5.38 5.80 -4.49
CA SER B 307 6.38 4.74 -4.58
C SER B 307 6.45 4.32 -6.05
N VAL B 308 6.87 3.10 -6.33
CA VAL B 308 6.94 2.65 -7.72
C VAL B 308 6.88 1.13 -7.76
N GLY B 309 6.38 0.59 -8.87
CA GLY B 309 6.27 -0.86 -9.00
C GLY B 309 7.59 -1.56 -8.78
N PRO B 310 7.60 -2.70 -8.06
CA PRO B 310 8.83 -3.43 -7.79
C PRO B 310 9.60 -3.92 -9.02
N GLN B 311 8.90 -4.29 -10.09
CA GLN B 311 9.59 -4.75 -11.29
C GLN B 311 10.43 -3.64 -11.90
N HIS B 312 9.98 -2.40 -11.79
CA HIS B 312 10.76 -1.28 -12.32
C HIS B 312 12.03 -1.08 -11.51
N ALA B 313 11.91 -1.19 -10.18
CA ALA B 313 13.07 -1.04 -9.33
C ALA B 313 14.08 -2.15 -9.64
N TYR B 314 13.58 -3.33 -9.98
CA TYR B 314 14.43 -4.46 -10.33
C TYR B 314 15.10 -4.25 -11.68
N LEU B 315 14.31 -3.89 -12.69
CA LEU B 315 14.86 -3.66 -14.03
C LEU B 315 15.94 -2.58 -14.01
N ASN B 316 15.76 -1.58 -13.14
CA ASN B 316 16.75 -0.52 -13.00
C ASN B 316 18.02 -1.06 -12.36
N SER B 317 17.85 -1.84 -11.29
CA SER B 317 18.97 -2.39 -10.55
C SER B 317 19.93 -3.21 -11.40
N ILE B 318 19.39 -4.01 -12.32
CA ILE B 318 20.23 -4.83 -13.19
C ILE B 318 20.65 -4.12 -14.48
N GLY B 319 20.25 -2.86 -14.63
CA GLY B 319 20.62 -2.12 -15.82
C GLY B 319 19.85 -2.43 -17.09
N ARG B 320 18.72 -3.14 -16.99
CA ARG B 320 17.96 -3.45 -18.19
C ARG B 320 17.15 -2.26 -18.64
N ALA B 321 16.62 -1.51 -17.68
CA ALA B 321 15.83 -0.31 -17.98
C ALA B 321 16.50 0.90 -17.34
N ASP B 322 16.34 2.05 -17.96
CA ASP B 322 16.92 3.27 -17.42
C ASP B 322 15.81 4.23 -17.01
N TYR B 323 15.98 4.90 -15.89
CA TYR B 323 14.95 5.84 -15.44
C TYR B 323 15.50 7.24 -15.33
N VAL B 324 14.68 8.19 -15.76
CA VAL B 324 15.03 9.61 -15.76
C VAL B 324 13.83 10.41 -15.24
N SER B 325 14.01 11.72 -15.11
CA SER B 325 12.92 12.56 -14.66
C SER B 325 12.74 13.75 -15.60
N ILE B 326 11.53 14.29 -15.58
CA ILE B 326 11.14 15.44 -16.41
C ILE B 326 10.37 16.38 -15.50
N THR B 327 10.69 17.67 -15.54
CA THR B 327 10.04 18.67 -14.69
C THR B 327 8.67 19.13 -15.20
N ASP B 328 7.93 19.82 -14.34
CA ASP B 328 6.63 20.37 -14.71
C ASP B 328 6.75 21.19 -15.99
N ASP B 329 7.73 22.09 -16.02
CA ASP B 329 7.90 22.95 -17.19
C ASP B 329 8.24 22.17 -18.46
N GLU B 330 9.05 21.12 -18.35
CA GLU B 330 9.39 20.32 -19.52
C GLU B 330 8.16 19.58 -20.03
N ALA B 331 7.34 19.07 -19.10
CA ALA B 331 6.12 18.38 -19.50
C ALA B 331 5.15 19.35 -20.16
N LEU B 332 5.04 20.56 -19.60
CA LEU B 332 4.14 21.57 -20.17
C LEU B 332 4.54 21.93 -21.59
N GLU B 333 5.84 22.06 -21.84
CA GLU B 333 6.32 22.39 -23.18
C GLU B 333 6.01 21.26 -24.16
N ALA B 334 6.16 20.02 -23.71
CA ALA B 334 5.88 18.88 -24.57
C ALA B 334 4.38 18.83 -24.91
N PHE B 335 3.55 19.14 -23.90
CA PHE B 335 2.09 19.17 -24.07
C PHE B 335 1.73 20.20 -25.16
N LYS B 336 2.24 21.40 -25.04
CA LYS B 336 1.94 22.45 -26.01
C LYS B 336 2.45 22.10 -27.41
N THR B 337 3.64 21.53 -27.47
CA THR B 337 4.24 21.17 -28.76
C THR B 337 3.45 20.10 -29.51
N LEU B 338 2.96 19.09 -28.81
CA LEU B 338 2.21 18.06 -29.49
C LEU B 338 0.88 18.61 -29.98
N CYS B 339 0.26 19.46 -29.19
CA CYS B 339 -1.01 20.06 -29.58
C CYS B 339 -0.85 20.82 -30.89
N ARG B 340 0.14 21.70 -30.94
CA ARG B 340 0.36 22.56 -32.10
C ARG B 340 0.93 21.92 -33.35
N HIS B 341 1.78 20.91 -33.20
CA HIS B 341 2.42 20.27 -34.33
C HIS B 341 1.85 18.94 -34.80
N GLU B 342 1.09 18.27 -33.95
CA GLU B 342 0.51 16.99 -34.37
C GLU B 342 -1.01 16.93 -34.21
N GLY B 343 -1.58 17.94 -33.55
CA GLY B 343 -3.02 17.98 -33.35
C GLY B 343 -3.54 16.94 -32.38
N ILE B 344 -2.67 16.52 -31.45
CA ILE B 344 -3.04 15.53 -30.45
C ILE B 344 -2.84 16.18 -29.08
N ILE B 345 -3.86 16.13 -28.23
CA ILE B 345 -3.75 16.70 -26.89
C ILE B 345 -3.39 15.56 -25.95
N PRO B 346 -2.13 15.54 -25.45
CA PRO B 346 -1.68 14.47 -24.55
C PRO B 346 -1.98 14.72 -23.09
N ALA B 347 -2.12 13.63 -22.33
CA ALA B 347 -2.34 13.75 -20.90
C ALA B 347 -1.05 14.35 -20.36
N LEU B 348 -1.13 15.09 -19.27
CA LEU B 348 0.08 15.68 -18.72
C LEU B 348 1.02 14.58 -18.22
N GLU B 349 0.46 13.43 -17.86
CA GLU B 349 1.30 12.32 -17.41
C GLU B 349 2.16 11.90 -18.59
N SER B 350 1.48 11.57 -19.68
CA SER B 350 2.13 11.13 -20.91
C SER B 350 3.10 12.17 -21.45
N SER B 351 2.80 13.44 -21.21
CA SER B 351 3.64 14.52 -21.68
C SER B 351 5.05 14.41 -21.09
N HIS B 352 5.19 13.74 -19.96
CA HIS B 352 6.50 13.57 -19.37
C HIS B 352 7.35 12.65 -20.22
N ALA B 353 6.72 11.60 -20.76
CA ALA B 353 7.43 10.65 -21.62
C ALA B 353 7.81 11.35 -22.93
N LEU B 354 6.86 12.09 -23.49
CA LEU B 354 7.10 12.81 -24.72
C LEU B 354 8.23 13.83 -24.53
N ALA B 355 8.22 14.52 -23.40
CA ALA B 355 9.25 15.52 -23.10
C ALA B 355 10.63 14.89 -23.13
N HIS B 356 10.77 13.68 -22.59
CA HIS B 356 12.10 13.07 -22.61
C HIS B 356 12.52 12.68 -24.03
N ALA B 357 11.56 12.22 -24.84
CA ALA B 357 11.86 11.85 -26.22
C ALA B 357 12.34 13.10 -26.97
N LEU B 358 11.66 14.22 -26.72
CA LEU B 358 12.03 15.49 -27.35
C LEU B 358 13.45 15.89 -26.96
N LYS B 359 13.82 15.62 -25.71
CA LYS B 359 15.16 15.94 -25.22
C LYS B 359 16.19 15.05 -25.92
N MET B 360 15.90 13.76 -26.05
CA MET B 360 16.81 12.83 -26.71
C MET B 360 17.05 13.31 -28.14
N MET B 361 15.98 13.80 -28.77
CA MET B 361 16.08 14.30 -30.13
C MET B 361 16.87 15.61 -30.22
N ARG B 362 16.46 16.57 -29.41
CA ARG B 362 17.09 17.89 -29.45
C ARG B 362 18.55 17.94 -29.00
N GLU B 363 18.92 17.12 -28.02
CA GLU B 363 20.29 17.12 -27.53
C GLU B 363 21.29 16.58 -28.56
N GLN B 364 20.84 15.67 -29.41
CA GLN B 364 21.70 15.05 -30.42
C GLN B 364 20.86 14.90 -31.69
N PRO B 365 20.54 16.03 -32.35
CA PRO B 365 19.74 16.10 -33.57
C PRO B 365 20.19 15.29 -34.77
N GLU B 366 21.48 14.97 -34.83
CA GLU B 366 21.99 14.18 -35.95
C GLU B 366 22.17 12.71 -35.58
N LYS B 367 21.65 12.31 -34.42
CA LYS B 367 21.74 10.91 -34.00
C LYS B 367 20.54 10.20 -34.61
N GLU B 368 20.79 9.14 -35.38
CA GLU B 368 19.70 8.40 -35.98
C GLU B 368 19.09 7.52 -34.89
N GLN B 369 17.80 7.70 -34.65
CA GLN B 369 17.13 6.90 -33.63
C GLN B 369 15.64 6.76 -33.89
N LEU B 370 15.14 5.55 -33.63
CA LEU B 370 13.74 5.21 -33.81
C LEU B 370 13.16 5.07 -32.40
N LEU B 371 12.26 5.99 -32.05
CA LEU B 371 11.68 6.00 -30.72
C LEU B 371 10.18 5.82 -30.71
N VAL B 372 9.68 5.18 -29.66
CA VAL B 372 8.25 5.01 -29.47
C VAL B 372 7.93 5.55 -28.09
N VAL B 373 6.98 6.47 -28.03
CA VAL B 373 6.54 7.03 -26.75
C VAL B 373 5.16 6.44 -26.49
N ASN B 374 4.94 5.94 -25.28
CA ASN B 374 3.62 5.41 -24.94
C ASN B 374 2.75 6.62 -24.55
N LEU B 375 1.78 6.95 -25.38
CA LEU B 375 0.89 8.06 -25.07
C LEU B 375 -0.22 7.45 -24.23
N SER B 376 0.05 7.34 -22.93
CA SER B 376 -0.85 6.70 -21.98
C SER B 376 -2.28 7.22 -21.92
N GLY B 377 -2.49 8.49 -22.22
CA GLY B 377 -3.84 9.02 -22.18
C GLY B 377 -3.99 10.35 -22.88
N ARG B 378 -5.24 10.77 -23.09
CA ARG B 378 -5.52 12.05 -23.71
C ARG B 378 -5.55 13.13 -22.63
N GLY B 379 -5.32 14.38 -23.04
CA GLY B 379 -5.25 15.47 -22.10
C GLY B 379 -6.39 16.47 -22.07
N ASP B 380 -7.55 16.07 -22.54
CA ASP B 380 -8.69 16.98 -22.51
C ASP B 380 -8.92 17.34 -21.04
N LYS B 381 -8.64 16.39 -20.15
CA LYS B 381 -8.79 16.54 -18.71
C LYS B 381 -7.84 17.57 -18.10
N ASP B 382 -6.77 17.88 -18.82
CA ASP B 382 -5.77 18.83 -18.32
C ASP B 382 -5.84 20.21 -18.95
N ILE B 383 -6.84 20.42 -19.80
CA ILE B 383 -7.03 21.70 -20.49
C ILE B 383 -7.08 22.90 -19.55
N PHE B 384 -7.86 22.78 -18.48
CA PHE B 384 -8.00 23.87 -17.51
C PHE B 384 -6.69 24.16 -16.78
N THR B 385 -6.01 23.10 -16.35
CA THR B 385 -4.74 23.24 -15.65
C THR B 385 -3.73 23.96 -16.52
N VAL B 386 -3.59 23.54 -17.77
CA VAL B 386 -2.66 24.15 -18.70
C VAL B 386 -3.08 25.59 -18.97
N HIS B 387 -4.40 25.81 -19.03
CA HIS B 387 -4.93 27.15 -19.28
C HIS B 387 -4.60 28.12 -18.16
N ASP B 388 -4.90 27.74 -16.92
CA ASP B 388 -4.62 28.61 -15.78
C ASP B 388 -3.14 28.95 -15.67
N ILE B 389 -2.28 27.95 -15.86
CA ILE B 389 -0.85 28.17 -15.77
C ILE B 389 -0.44 29.16 -16.84
N LEU B 390 -0.86 28.92 -18.08
CA LEU B 390 -0.55 29.81 -19.17
C LEU B 390 -1.41 31.07 -19.06
N LYS B 391 -1.26 31.96 -19.93
#